data_9DVH
#
_entry.id   9DVH
#
_cell.length_a   42.253
_cell.length_b   123.488
_cell.length_c   176.067
_cell.angle_alpha   90.000
_cell.angle_beta   90.000
_cell.angle_gamma   90.000
#
_symmetry.space_group_name_H-M   'P 2 21 21'
#
loop_
_entity.id
_entity.type
_entity.pdbx_description
1 polymer 'Non-ribosomal peptide synthetase'
2 polymer 'MbtH-like short polypeptide'
3 non-polymer '(2R)-amino(4-hydroxyphenyl)ethanoic acid'
4 non-polymer '2-(N-MORPHOLINO)-ETHANESULFONIC ACID'
5 non-polymer 'BORIC ACID'
6 water water
#
loop_
_entity_poly.entity_id
_entity_poly.type
_entity_poly.pdbx_seq_one_letter_code
_entity_poly.pdbx_strand_id
1 'polypeptide(L)'
;MSTVPELLARQVTRAPDAVAVVDRDRVLTYRELDELAGRLSGRLIGRGVRRGDRVAVLLDRSADLVVTLLAIWKAGAAYV
PVDAGYPAPRVAFMVADSGASRMVCSAATRDGVPEGIEAIVVTDEEAFEASAAGARPGDLAYVMYTSGSTGIPKGVAVPH
RSVAELAGNPGWAVEPGDAVLMHAPYAFDASLFEIWVPLVSGGRVVIAEPGPVDARRLREAISSGVTRAHLTAGSFRAVA
EESPESFAGLREVLTGGDVVPAHAVARVRSACPRVRIRHLYGPTETTLCATWHLLEPGDEIGPVLPIGRPLPGRRAQVLD
ASLRAVAPGVIGDLYLSGAGLADGYLRRAGLTAERFVADPSAPGARMYRTGDLAQWTADGALLFAGRADDQGSHHHHHH
;
A,B
2 'polypeptide(L)' MTNPFDNEDGSFLVLVNGEGQHSLWPAFAEVPDGWTGVHGPASRQDCLGYVEQNWTDLRPKSLISQISD C,D
#
loop_
_chem_comp.id
_chem_comp.type
_chem_comp.name
_chem_comp.formula
BO3 non-polymer 'BORIC ACID' 'B H3 O3'
MES non-polymer '2-(N-MORPHOLINO)-ETHANESULFONIC ACID' 'C6 H13 N O4 S'
#
# COMPACT_ATOMS: atom_id res chain seq x y z
N SER A 2 24.44 9.70 -0.09
CA SER A 2 24.65 8.48 -0.85
C SER A 2 24.77 8.77 -2.35
N THR A 3 25.02 7.71 -3.12
CA THR A 3 24.98 7.77 -4.58
C THR A 3 24.29 6.51 -5.09
N VAL A 4 23.67 6.61 -6.26
CA VAL A 4 23.06 5.42 -6.86
C VAL A 4 24.10 4.34 -7.08
N PRO A 5 25.33 4.64 -7.54
CA PRO A 5 26.32 3.56 -7.64
C PRO A 5 26.61 2.88 -6.30
N GLU A 6 26.62 3.63 -5.20
CA GLU A 6 26.81 3.02 -3.88
C GLU A 6 25.67 2.08 -3.54
N LEU A 7 24.44 2.52 -3.79
CA LEU A 7 23.28 1.68 -3.52
C LEU A 7 23.26 0.44 -4.42
N LEU A 8 23.60 0.63 -5.70
CA LEU A 8 23.71 -0.49 -6.63
C LEU A 8 24.75 -1.50 -6.17
N ALA A 9 25.89 -1.02 -5.65
CA ALA A 9 26.95 -1.93 -5.24
C ALA A 9 26.49 -2.87 -4.14
N ARG A 10 25.59 -2.42 -3.27
CA ARG A 10 25.06 -3.31 -2.24
C ARG A 10 24.29 -4.46 -2.88
N GLN A 11 23.58 -4.17 -3.98
CA GLN A 11 22.82 -5.22 -4.64
C GLN A 11 23.73 -6.14 -5.45
N VAL A 12 24.78 -5.59 -6.06
CA VAL A 12 25.74 -6.45 -6.76
C VAL A 12 26.36 -7.45 -5.78
N THR A 13 26.67 -6.99 -4.56
CA THR A 13 27.23 -7.89 -3.57
C THR A 13 26.21 -8.91 -3.10
N ARG A 14 24.97 -8.49 -2.89
CA ARG A 14 23.98 -9.37 -2.28
C ARG A 14 23.54 -10.48 -3.25
N ALA A 15 23.34 -10.14 -4.52
CA ALA A 15 22.81 -11.08 -5.50
C ALA A 15 23.43 -10.78 -6.86
N PRO A 16 24.72 -11.10 -7.03
CA PRO A 16 25.39 -10.73 -8.28
C PRO A 16 24.81 -11.40 -9.51
N ASP A 17 24.20 -12.57 -9.36
CA ASP A 17 23.70 -13.33 -10.50
C ASP A 17 22.22 -13.11 -10.76
N ALA A 18 21.57 -12.22 -10.01
CA ALA A 18 20.22 -11.80 -10.34
C ALA A 18 20.22 -10.99 -11.63
N VAL A 19 19.10 -11.05 -12.34
CA VAL A 19 18.96 -10.31 -13.59
C VAL A 19 18.79 -8.82 -13.32
N ALA A 20 19.57 -8.00 -14.01
CA ALA A 20 19.50 -6.54 -13.91
C ALA A 20 18.81 -5.88 -15.11
N VAL A 21 19.16 -6.30 -16.33
CA VAL A 21 18.66 -5.65 -17.54
C VAL A 21 18.26 -6.71 -18.54
N VAL A 22 17.06 -6.58 -19.10
CA VAL A 22 16.57 -7.44 -20.17
C VAL A 22 16.36 -6.56 -21.39
N ASP A 23 17.08 -6.86 -22.46
CA ASP A 23 17.01 -6.10 -23.72
C ASP A 23 16.88 -7.10 -24.85
N ARG A 24 15.64 -7.31 -25.33
CA ARG A 24 15.40 -8.33 -26.34
C ARG A 24 15.91 -9.67 -25.82
N ASP A 25 16.87 -10.27 -26.52
CA ASP A 25 17.45 -11.54 -26.09
C ASP A 25 18.72 -11.36 -25.26
N ARG A 26 19.18 -10.13 -25.09
CA ARG A 26 20.36 -9.87 -24.26
C ARG A 26 19.91 -9.69 -22.82
N VAL A 27 20.52 -10.46 -21.91
CA VAL A 27 20.20 -10.38 -20.49
C VAL A 27 21.49 -10.13 -19.72
N LEU A 28 21.50 -9.08 -18.90
CA LEU A 28 22.64 -8.75 -18.06
C LEU A 28 22.30 -8.97 -16.60
N THR A 29 23.16 -9.72 -15.90
CA THR A 29 23.05 -9.81 -14.45
C THR A 29 23.64 -8.56 -13.80
N TYR A 30 23.42 -8.45 -12.49
CA TYR A 30 23.99 -7.34 -11.73
C TYR A 30 25.50 -7.30 -11.86
N ARG A 31 26.16 -8.45 -11.71
CA ARG A 31 27.61 -8.48 -11.83
C ARG A 31 28.06 -8.16 -13.25
N GLU A 32 27.34 -8.68 -14.26
CA GLU A 32 27.72 -8.39 -15.64
C GLU A 32 27.57 -6.91 -15.96
N LEU A 33 26.48 -6.29 -15.48
CA LEU A 33 26.30 -4.86 -15.68
C LEU A 33 27.42 -4.07 -15.04
N ASP A 34 27.77 -4.42 -13.79
CA ASP A 34 28.84 -3.72 -13.09
C ASP A 34 30.16 -3.86 -13.82
N GLU A 35 30.49 -5.05 -14.32
N GLU A 35 30.49 -5.06 -14.31
CA GLU A 35 31.77 -5.24 -15.00
CA GLU A 35 31.76 -5.26 -15.00
C GLU A 35 31.80 -4.52 -16.34
C GLU A 35 31.80 -4.53 -16.34
N LEU A 36 30.68 -4.57 -17.08
CA LEU A 36 30.64 -3.84 -18.36
C LEU A 36 30.81 -2.34 -18.15
N ALA A 37 30.14 -1.80 -17.14
CA ALA A 37 30.26 -0.37 -16.85
C ALA A 37 31.67 -0.03 -16.40
N GLY A 38 32.30 -0.92 -15.63
CA GLY A 38 33.67 -0.70 -15.23
C GLY A 38 34.64 -0.65 -16.40
N ARG A 39 34.44 -1.52 -17.39
CA ARG A 39 35.32 -1.50 -18.56
C ARG A 39 35.13 -0.21 -19.35
N LEU A 40 33.88 0.20 -19.56
CA LEU A 40 33.64 1.46 -20.28
C LEU A 40 34.11 2.67 -19.46
N SER A 41 33.99 2.60 -18.14
CA SER A 41 34.56 3.66 -17.31
C SER A 41 36.07 3.77 -17.54
N GLY A 42 36.75 2.63 -17.57
CA GLY A 42 38.18 2.66 -17.87
C GLY A 42 38.48 3.29 -19.21
N ARG A 43 37.66 2.97 -20.22
CA ARG A 43 37.81 3.59 -21.54
C ARG A 43 37.61 5.10 -21.46
N LEU A 44 36.61 5.54 -20.71
CA LEU A 44 36.35 6.97 -20.60
C LEU A 44 37.51 7.68 -19.90
N ILE A 45 37.99 7.12 -18.79
CA ILE A 45 39.14 7.69 -18.11
C ILE A 45 40.34 7.74 -19.04
N GLY A 46 40.51 6.69 -19.84
CA GLY A 46 41.64 6.64 -20.75
C GLY A 46 41.54 7.67 -21.86
N ARG A 47 40.32 8.01 -22.28
CA ARG A 47 40.10 9.10 -23.22
C ARG A 47 40.19 10.47 -22.58
N GLY A 48 40.43 10.54 -21.27
CA GLY A 48 40.60 11.81 -20.59
C GLY A 48 39.44 12.33 -19.79
N VAL A 49 38.38 11.53 -19.57
CA VAL A 49 37.26 11.99 -18.76
C VAL A 49 37.74 12.13 -17.32
N ARG A 50 37.44 13.27 -16.70
CA ARG A 50 37.87 13.54 -15.33
C ARG A 50 36.67 13.89 -14.46
N ARG A 51 36.90 13.87 -13.16
CA ARG A 51 35.83 14.10 -12.19
C ARG A 51 35.16 15.44 -12.48
N GLY A 52 33.82 15.44 -12.48
CA GLY A 52 33.07 16.65 -12.72
C GLY A 52 32.79 16.97 -14.17
N ASP A 53 33.47 16.31 -15.10
CA ASP A 53 33.17 16.50 -16.51
C ASP A 53 31.72 16.15 -16.79
N ARG A 54 31.14 16.83 -17.77
CA ARG A 54 29.85 16.46 -18.34
C ARG A 54 30.11 15.67 -19.62
N VAL A 55 29.48 14.50 -19.73
CA VAL A 55 29.62 13.64 -20.89
C VAL A 55 28.23 13.46 -21.50
N ALA A 56 28.08 13.89 -22.75
CA ALA A 56 26.80 13.74 -23.42
C ALA A 56 26.59 12.28 -23.84
N VAL A 57 25.32 11.89 -23.95
CA VAL A 57 24.93 10.54 -24.32
C VAL A 57 23.88 10.63 -25.43
N LEU A 58 24.13 9.95 -26.54
CA LEU A 58 23.26 9.93 -27.70
C LEU A 58 23.04 8.48 -28.11
N LEU A 59 22.04 7.82 -27.52
CA LEU A 59 21.82 6.40 -27.75
C LEU A 59 20.33 6.09 -27.75
N ASP A 60 19.97 5.02 -28.45
CA ASP A 60 18.62 4.49 -28.35
C ASP A 60 18.54 3.66 -27.08
N ARG A 61 17.35 3.55 -26.50
CA ARG A 61 17.21 2.76 -25.29
C ARG A 61 17.65 1.32 -25.57
N SER A 62 18.40 0.76 -24.63
CA SER A 62 19.13 -0.49 -24.84
C SER A 62 19.89 -0.79 -23.56
N ALA A 63 20.41 -2.02 -23.46
CA ALA A 63 21.30 -2.35 -22.36
C ALA A 63 22.55 -1.47 -22.40
N ASP A 64 23.03 -1.17 -23.62
CA ASP A 64 24.23 -0.33 -23.74
C ASP A 64 23.98 1.05 -23.15
N LEU A 65 22.75 1.56 -23.22
CA LEU A 65 22.45 2.84 -22.61
C LEU A 65 22.64 2.77 -21.09
N VAL A 66 22.13 1.71 -20.46
CA VAL A 66 22.26 1.61 -19.00
C VAL A 66 23.73 1.47 -18.62
N VAL A 67 24.48 0.67 -19.38
CA VAL A 67 25.91 0.51 -19.14
C VAL A 67 26.62 1.86 -19.22
N THR A 68 26.24 2.68 -20.22
CA THR A 68 26.91 3.95 -20.46
C THR A 68 26.67 4.93 -19.31
N LEU A 69 25.43 5.06 -18.87
CA LEU A 69 25.14 5.99 -17.77
C LEU A 69 25.91 5.59 -16.52
N LEU A 70 25.92 4.29 -16.20
CA LEU A 70 26.65 3.85 -15.01
C LEU A 70 28.15 4.05 -15.19
N ALA A 71 28.68 3.85 -16.40
CA ALA A 71 30.10 4.03 -16.65
C ALA A 71 30.50 5.49 -16.47
N ILE A 72 29.71 6.42 -16.99
CA ILE A 72 29.98 7.85 -16.81
C ILE A 72 30.05 8.18 -15.34
N TRP A 73 29.11 7.64 -14.58
CA TRP A 73 29.10 7.85 -13.14
C TRP A 73 30.34 7.26 -12.48
N LYS A 74 30.74 6.05 -12.89
CA LYS A 74 31.92 5.42 -12.31
C LYS A 74 33.19 6.22 -12.60
N ALA A 75 33.22 6.95 -13.71
CA ALA A 75 34.35 7.78 -14.06
C ALA A 75 34.35 9.11 -13.31
N GLY A 76 33.39 9.33 -12.42
CA GLY A 76 33.31 10.56 -11.67
C GLY A 76 32.61 11.69 -12.38
N ALA A 77 32.01 11.42 -13.54
CA ALA A 77 31.44 12.44 -14.39
C ALA A 77 29.92 12.44 -14.31
N ALA A 78 29.32 13.43 -14.96
CA ALA A 78 27.88 13.62 -15.00
C ALA A 78 27.41 13.40 -16.42
N TYR A 79 26.27 12.74 -16.60
CA TYR A 79 25.79 12.52 -17.96
C TYR A 79 24.82 13.61 -18.40
N VAL A 80 24.90 13.94 -19.68
CA VAL A 80 24.01 14.89 -20.33
C VAL A 80 23.20 14.12 -21.36
N PRO A 81 21.99 13.71 -21.01
CA PRO A 81 21.24 12.80 -21.89
C PRO A 81 20.62 13.59 -23.04
N VAL A 82 20.86 13.13 -24.25
CA VAL A 82 20.34 13.76 -25.45
C VAL A 82 19.54 12.74 -26.22
N ASP A 83 18.29 13.09 -26.53
CA ASP A 83 17.44 12.22 -27.33
C ASP A 83 17.91 12.20 -28.77
N ALA A 84 18.17 11.00 -29.30
CA ALA A 84 18.72 10.86 -30.64
C ALA A 84 17.82 11.47 -31.69
N GLY A 85 16.55 11.72 -31.37
CA GLY A 85 15.63 12.31 -32.30
C GLY A 85 15.53 13.82 -32.24
N TYR A 86 16.36 14.47 -31.44
CA TYR A 86 16.33 15.93 -31.38
C TYR A 86 16.97 16.53 -32.63
N PRO A 87 16.51 17.70 -33.06
CA PRO A 87 17.19 18.40 -34.17
C PRO A 87 18.61 18.78 -33.82
N ALA A 88 19.45 18.89 -34.85
CA ALA A 88 20.86 19.18 -34.63
C ALA A 88 21.14 20.47 -33.87
N PRO A 89 20.41 21.58 -34.09
CA PRO A 89 20.72 22.78 -33.29
C PRO A 89 20.44 22.59 -31.81
N ARG A 90 19.38 21.85 -31.47
CA ARG A 90 19.12 21.56 -30.06
C ARG A 90 20.23 20.70 -29.47
N VAL A 91 20.69 19.68 -30.19
CA VAL A 91 21.79 18.85 -29.71
C VAL A 91 23.04 19.70 -29.52
N ALA A 92 23.35 20.56 -30.50
CA ALA A 92 24.53 21.39 -30.37
C ALA A 92 24.44 22.30 -29.15
N PHE A 93 23.26 22.85 -28.89
CA PHE A 93 23.09 23.73 -27.75
C PHE A 93 23.29 22.99 -26.44
N MET A 94 22.66 21.82 -26.30
CA MET A 94 22.78 21.08 -25.05
C MET A 94 24.22 20.70 -24.78
N VAL A 95 24.95 20.28 -25.80
CA VAL A 95 26.35 19.91 -25.61
C VAL A 95 27.17 21.11 -25.20
N ALA A 96 27.00 22.23 -25.93
CA ALA A 96 27.83 23.41 -25.66
C ALA A 96 27.46 24.06 -24.34
N ASP A 97 26.15 24.21 -24.08
CA ASP A 97 25.71 24.86 -22.85
C ASP A 97 26.15 24.06 -21.63
N SER A 98 26.10 22.72 -21.71
CA SER A 98 26.48 21.89 -20.58
C SER A 98 27.99 21.76 -20.40
N GLY A 99 28.76 22.21 -21.38
CA GLY A 99 30.21 22.10 -21.30
C GLY A 99 30.76 20.73 -21.58
N ALA A 100 30.01 19.87 -22.28
CA ALA A 100 30.49 18.55 -22.62
C ALA A 100 31.43 18.62 -23.82
N SER A 101 32.60 17.98 -23.71
CA SER A 101 33.53 17.90 -24.83
C SER A 101 33.52 16.54 -25.49
N ARG A 102 32.82 15.56 -24.92
CA ARG A 102 32.80 14.20 -25.43
C ARG A 102 31.37 13.70 -25.38
N MET A 103 31.03 12.80 -26.30
CA MET A 103 29.67 12.27 -26.41
C MET A 103 29.74 10.78 -26.70
N VAL A 104 29.05 9.98 -25.89
CA VAL A 104 28.96 8.55 -26.15
C VAL A 104 27.82 8.32 -27.12
N CYS A 105 28.09 7.54 -28.17
CA CYS A 105 27.12 7.30 -29.23
C CYS A 105 27.26 5.86 -29.71
N SER A 106 26.42 5.50 -30.67
CA SER A 106 26.46 4.20 -31.33
C SER A 106 26.71 4.39 -32.82
N ALA A 107 27.02 3.29 -33.51
CA ALA A 107 27.13 3.36 -34.96
C ALA A 107 25.92 4.07 -35.53
N ALA A 108 24.72 3.69 -35.07
CA ALA A 108 23.48 4.22 -35.63
C ALA A 108 23.33 5.72 -35.38
N THR A 109 23.82 6.23 -34.25
CA THR A 109 23.66 7.64 -33.92
C THR A 109 24.91 8.47 -34.18
N ARG A 110 25.97 7.86 -34.73
CA ARG A 110 27.27 8.52 -34.82
C ARG A 110 27.18 9.86 -35.54
N ASP A 111 26.31 9.96 -36.55
CA ASP A 111 26.26 11.16 -37.36
C ASP A 111 25.63 12.33 -36.61
N GLY A 112 25.02 12.07 -35.44
CA GLY A 112 24.42 13.11 -34.64
C GLY A 112 25.35 13.81 -33.68
N VAL A 113 26.58 13.35 -33.55
CA VAL A 113 27.56 14.03 -32.70
C VAL A 113 27.93 15.35 -33.36
N PRO A 114 27.81 16.49 -32.67
CA PRO A 114 28.15 17.77 -33.31
C PRO A 114 29.62 17.85 -33.68
N GLU A 115 29.91 18.71 -34.66
CA GLU A 115 31.30 18.92 -35.08
C GLU A 115 32.09 19.48 -33.90
N GLY A 116 33.31 18.98 -33.73
CA GLY A 116 34.17 19.43 -32.66
C GLY A 116 34.03 18.67 -31.37
N ILE A 117 33.14 17.70 -31.29
CA ILE A 117 32.89 16.92 -30.09
C ILE A 117 33.46 15.52 -30.31
N GLU A 118 34.28 15.05 -29.38
CA GLU A 118 34.83 13.71 -29.48
C GLU A 118 33.71 12.69 -29.37
N ALA A 119 33.62 11.81 -30.36
CA ALA A 119 32.66 10.72 -30.33
C ALA A 119 33.31 9.48 -29.73
N ILE A 120 32.60 8.86 -28.78
CA ILE A 120 33.03 7.61 -28.16
C ILE A 120 31.96 6.58 -28.52
N VAL A 121 32.29 5.69 -29.45
CA VAL A 121 31.32 4.75 -29.98
C VAL A 121 31.24 3.54 -29.06
N VAL A 122 30.05 3.32 -28.48
CA VAL A 122 29.91 2.37 -27.40
C VAL A 122 30.06 0.96 -27.97
N THR A 123 29.79 0.79 -29.26
CA THR A 123 29.78 -0.51 -29.91
C THR A 123 31.15 -0.94 -30.39
N ASP A 124 32.17 -0.11 -30.22
CA ASP A 124 33.54 -0.48 -30.56
C ASP A 124 34.05 -1.56 -29.63
N ALA A 127 37.94 -2.72 -26.41
CA ALA A 127 38.64 -3.43 -25.31
C ALA A 127 39.41 -2.30 -24.57
N PHE A 128 39.20 -2.19 -23.26
CA PHE A 128 39.94 -1.34 -22.32
C PHE A 128 39.95 -1.93 -20.92
N GLU A 129 40.94 -1.58 -20.06
CA GLU A 129 40.87 -2.20 -18.72
C GLU A 129 39.97 -1.38 -17.79
N ALA A 130 39.27 -2.13 -16.95
CA ALA A 130 38.38 -1.60 -15.92
C ALA A 130 39.06 -0.64 -14.98
N SER A 131 38.42 0.50 -14.72
CA SER A 131 38.98 1.49 -13.80
C SER A 131 37.83 2.39 -13.40
N ALA A 132 37.79 2.81 -12.14
CA ALA A 132 36.73 3.70 -11.68
C ALA A 132 37.30 4.78 -10.77
N ALA A 133 36.86 6.02 -10.99
CA ALA A 133 37.18 7.08 -10.05
C ALA A 133 36.22 7.06 -8.86
N GLY A 134 34.98 6.65 -9.08
CA GLY A 134 34.00 6.53 -8.03
C GLY A 134 33.08 7.75 -7.99
N ALA A 135 31.79 7.53 -7.86
CA ALA A 135 30.84 8.63 -7.73
C ALA A 135 30.85 9.17 -6.31
N ARG A 136 30.61 10.47 -6.19
CA ARG A 136 30.55 11.11 -4.88
C ARG A 136 29.28 11.93 -4.74
N PRO A 137 28.74 12.00 -3.52
CA PRO A 137 27.38 12.55 -3.34
C PRO A 137 27.25 14.01 -3.74
N GLY A 138 28.30 14.81 -3.55
CA GLY A 138 28.22 16.21 -3.90
C GLY A 138 28.51 16.52 -5.34
N ASP A 139 29.01 15.55 -6.10
CA ASP A 139 29.27 15.74 -7.51
C ASP A 139 27.96 15.72 -8.29
N LEU A 140 27.98 16.37 -9.46
CA LEU A 140 26.85 16.27 -10.36
C LEU A 140 26.70 14.86 -10.91
N ALA A 141 25.46 14.39 -10.97
CA ALA A 141 25.09 13.13 -11.61
C ALA A 141 24.62 13.31 -13.04
N TYR A 142 23.86 14.37 -13.30
CA TYR A 142 23.41 14.63 -14.67
C TYR A 142 23.01 16.08 -14.81
N VAL A 143 22.88 16.52 -16.05
CA VAL A 143 22.31 17.81 -16.42
C VAL A 143 21.19 17.49 -17.39
N MET A 144 19.94 17.66 -16.94
N MET A 144 19.95 17.65 -16.95
CA MET A 144 18.77 17.43 -17.79
CA MET A 144 18.78 17.42 -17.79
C MET A 144 18.15 18.76 -18.16
C MET A 144 18.15 18.76 -18.16
N TYR A 145 17.79 18.90 -19.42
CA TYR A 145 17.26 20.16 -19.90
C TYR A 145 15.74 20.20 -19.82
N THR A 146 15.23 21.34 -19.38
CA THR A 146 13.82 21.63 -19.23
C THR A 146 13.59 23.03 -19.77
N SER A 147 12.49 23.21 -20.49
CA SER A 147 12.04 24.52 -20.90
C SER A 147 10.86 25.02 -20.07
N GLY A 148 10.35 24.18 -19.18
CA GLY A 148 9.20 24.54 -18.37
C GLY A 148 8.06 25.04 -19.24
N SER A 149 7.40 26.10 -18.77
CA SER A 149 6.36 26.76 -19.55
C SER A 149 6.88 28.05 -20.21
N THR A 150 8.20 28.18 -20.33
CA THR A 150 8.83 29.38 -20.86
C THR A 150 9.15 29.22 -22.34
N GLY A 151 9.54 28.02 -22.74
CA GLY A 151 10.04 27.71 -24.05
C GLY A 151 11.53 27.84 -24.25
N ILE A 152 12.27 28.35 -23.28
CA ILE A 152 13.72 28.45 -23.36
C ILE A 152 14.31 27.30 -22.55
N PRO A 153 15.04 26.38 -23.16
CA PRO A 153 15.63 25.29 -22.37
C PRO A 153 16.83 25.68 -21.52
N LYS A 154 16.80 25.22 -20.28
CA LYS A 154 17.88 25.35 -19.30
C LYS A 154 18.22 23.99 -18.72
N GLY A 155 19.51 23.84 -18.42
CA GLY A 155 20.03 22.64 -17.81
C GLY A 155 19.97 22.60 -16.30
N VAL A 156 19.22 21.63 -15.80
CA VAL A 156 19.05 21.42 -14.37
C VAL A 156 20.17 20.48 -13.93
N ALA A 157 21.04 20.99 -13.06
CA ALA A 157 22.22 20.25 -12.59
C ALA A 157 21.87 19.55 -11.29
N VAL A 158 21.83 18.23 -11.31
CA VAL A 158 21.35 17.45 -10.17
C VAL A 158 22.50 16.65 -9.60
N PRO A 159 22.79 16.76 -8.30
CA PRO A 159 23.89 16.01 -7.70
C PRO A 159 23.51 14.57 -7.37
N HIS A 160 24.55 13.74 -7.25
CA HIS A 160 24.34 12.34 -6.90
C HIS A 160 23.47 12.16 -5.67
N ARG A 161 23.69 12.98 -4.63
CA ARG A 161 22.94 12.81 -3.40
C ARG A 161 21.44 12.88 -3.65
N SER A 162 21.02 13.77 -4.54
CA SER A 162 19.59 13.93 -4.81
C SER A 162 19.04 12.74 -5.60
N VAL A 163 19.82 12.24 -6.56
CA VAL A 163 19.35 11.11 -7.34
C VAL A 163 19.18 9.90 -6.43
N ALA A 164 20.10 9.71 -5.48
CA ALA A 164 20.02 8.58 -4.56
C ALA A 164 18.87 8.75 -3.58
N GLU A 165 18.62 9.98 -3.11
CA GLU A 165 17.47 10.22 -2.25
C GLU A 165 16.18 9.81 -2.96
N LEU A 166 16.06 10.13 -4.25
CA LEU A 166 14.91 9.70 -5.03
C LEU A 166 14.90 8.19 -5.23
N ALA A 167 15.99 7.66 -5.80
CA ALA A 167 15.96 6.26 -6.23
C ALA A 167 15.84 5.29 -5.07
N GLY A 168 16.47 5.61 -3.94
CA GLY A 168 16.47 4.73 -2.79
C GLY A 168 15.31 4.94 -1.83
N ASN A 169 14.35 5.77 -2.21
CA ASN A 169 13.27 6.08 -1.28
C ASN A 169 12.51 4.82 -0.89
N PRO A 170 12.29 4.58 0.39
CA PRO A 170 11.59 3.33 0.78
C PRO A 170 10.17 3.24 0.26
N GLY A 171 9.53 4.37 -0.06
CA GLY A 171 8.15 4.37 -0.52
C GLY A 171 7.91 3.72 -1.87
N TRP A 172 8.94 3.59 -2.71
CA TRP A 172 8.74 3.01 -4.02
C TRP A 172 8.24 1.57 -3.91
N ALA A 173 8.69 0.85 -2.86
CA ALA A 173 8.24 -0.51 -2.60
C ALA A 173 8.60 -1.47 -3.72
N VAL A 174 9.71 -1.21 -4.42
CA VAL A 174 10.18 -2.09 -5.47
C VAL A 174 11.09 -3.15 -4.85
N GLU A 175 10.87 -4.40 -5.24
CA GLU A 175 11.53 -5.56 -4.64
C GLU A 175 12.36 -6.32 -5.66
N PRO A 176 13.19 -7.28 -5.23
CA PRO A 176 13.99 -8.04 -6.20
C PRO A 176 13.18 -8.76 -7.25
N GLY A 177 11.96 -9.21 -6.94
CA GLY A 177 11.16 -9.88 -7.94
C GLY A 177 10.49 -8.96 -8.95
N ASP A 178 10.62 -7.65 -8.81
CA ASP A 178 9.95 -6.73 -9.69
C ASP A 178 10.69 -6.61 -11.02
N ALA A 179 9.94 -6.30 -12.07
CA ALA A 179 10.47 -6.06 -13.41
C ALA A 179 9.80 -4.79 -13.88
N VAL A 180 10.60 -3.75 -14.17
CA VAL A 180 10.06 -2.44 -14.49
C VAL A 180 10.28 -2.17 -15.98
N LEU A 181 9.23 -1.73 -16.66
CA LEU A 181 9.32 -1.44 -18.09
C LEU A 181 10.02 -0.12 -18.31
N MET A 182 10.99 -0.10 -19.21
CA MET A 182 11.79 1.09 -19.49
C MET A 182 11.43 1.57 -20.89
N HIS A 183 10.82 2.76 -20.97
CA HIS A 183 10.48 3.32 -22.28
C HIS A 183 10.48 4.85 -22.29
N ALA A 184 10.50 5.48 -21.14
CA ALA A 184 10.59 6.93 -21.10
C ALA A 184 11.93 7.38 -21.69
N PRO A 185 11.98 8.54 -22.35
CA PRO A 185 13.28 9.06 -22.78
C PRO A 185 14.20 9.24 -21.59
N TYR A 186 15.45 8.78 -21.74
CA TYR A 186 16.41 8.97 -20.67
C TYR A 186 16.83 10.43 -20.53
N ALA A 187 16.37 11.30 -21.45
CA ALA A 187 16.54 12.74 -21.31
C ALA A 187 15.54 13.34 -20.33
N PHE A 188 14.56 12.56 -19.87
CA PHE A 188 13.51 12.99 -18.95
C PHE A 188 13.66 12.19 -17.66
N ASP A 189 13.20 12.74 -16.55
CA ASP A 189 13.58 12.08 -15.29
C ASP A 189 12.60 11.00 -14.84
N ALA A 190 11.54 10.72 -15.59
CA ALA A 190 10.81 9.48 -15.34
C ALA A 190 11.73 8.28 -15.48
N SER A 191 12.79 8.41 -16.27
CA SER A 191 13.78 7.36 -16.42
C SER A 191 14.47 7.03 -15.11
N LEU A 192 14.44 7.92 -14.12
CA LEU A 192 15.05 7.59 -12.83
C LEU A 192 14.26 6.50 -12.14
N PHE A 193 12.94 6.47 -12.33
CA PHE A 193 12.15 5.39 -11.79
C PHE A 193 12.33 4.12 -12.63
N GLU A 194 12.39 4.26 -13.96
CA GLU A 194 12.41 3.08 -14.80
C GLU A 194 13.77 2.39 -14.79
N ILE A 195 14.85 3.13 -14.55
CA ILE A 195 16.19 2.55 -14.53
C ILE A 195 16.73 2.37 -13.12
N TRP A 196 16.83 3.47 -12.36
CA TRP A 196 17.63 3.42 -11.16
C TRP A 196 16.88 2.86 -9.96
N VAL A 197 15.57 3.09 -9.85
CA VAL A 197 14.81 2.53 -8.73
C VAL A 197 14.90 1.01 -8.72
N PRO A 198 14.62 0.29 -9.82
CA PRO A 198 14.76 -1.17 -9.76
C PRO A 198 16.18 -1.62 -9.47
N LEU A 199 17.20 -0.94 -10.04
CA LEU A 199 18.56 -1.41 -9.85
C LEU A 199 19.05 -1.21 -8.41
N VAL A 200 18.61 -0.16 -7.72
CA VAL A 200 19.01 -0.02 -6.33
C VAL A 200 18.18 -0.93 -5.43
N SER A 201 17.14 -1.56 -5.98
CA SER A 201 16.21 -2.40 -5.24
C SER A 201 16.42 -3.89 -5.48
N GLY A 202 17.27 -4.28 -6.42
CA GLY A 202 17.45 -5.68 -6.75
C GLY A 202 16.58 -6.20 -7.87
N GLY A 203 15.69 -5.36 -8.43
CA GLY A 203 14.82 -5.78 -9.50
C GLY A 203 15.51 -5.67 -10.84
N ARG A 204 14.72 -5.84 -11.90
N ARG A 204 14.72 -5.84 -11.91
CA ARG A 204 15.27 -5.80 -13.26
CA ARG A 204 15.27 -5.80 -13.26
C ARG A 204 14.59 -4.70 -14.07
C ARG A 204 14.57 -4.75 -14.12
N VAL A 205 15.34 -4.23 -15.07
CA VAL A 205 14.90 -3.21 -16.02
C VAL A 205 14.61 -3.92 -17.33
N VAL A 206 13.41 -3.78 -17.86
CA VAL A 206 13.02 -4.44 -19.10
C VAL A 206 12.91 -3.38 -20.19
N ILE A 207 13.84 -3.40 -21.14
CA ILE A 207 13.87 -2.39 -22.20
C ILE A 207 12.71 -2.67 -23.16
N ALA A 208 11.83 -1.68 -23.34
CA ALA A 208 10.71 -1.83 -24.25
C ALA A 208 11.20 -1.85 -25.70
N GLU A 209 10.54 -2.66 -26.54
CA GLU A 209 10.80 -2.66 -27.97
C GLU A 209 10.67 -1.25 -28.53
N PRO A 210 11.35 -0.94 -29.64
CA PRO A 210 11.30 0.44 -30.14
C PRO A 210 9.88 0.89 -30.44
N GLY A 211 9.64 2.19 -30.26
CA GLY A 211 8.34 2.75 -30.54
C GLY A 211 7.53 2.97 -29.28
N PRO A 212 6.39 3.63 -29.43
CA PRO A 212 5.59 3.97 -28.24
C PRO A 212 4.96 2.73 -27.63
N VAL A 213 4.87 2.74 -26.29
CA VAL A 213 4.18 1.68 -25.57
C VAL A 213 2.69 1.99 -25.58
N ASP A 214 1.92 1.16 -26.26
CA ASP A 214 0.46 1.26 -26.31
C ASP A 214 -0.15 0.13 -25.47
N ALA A 215 -1.48 0.08 -25.43
CA ALA A 215 -2.15 -0.88 -24.57
C ALA A 215 -1.74 -2.30 -24.92
N ARG A 216 -1.69 -2.62 -26.21
CA ARG A 216 -1.33 -3.97 -26.63
C ARG A 216 0.07 -4.33 -26.19
N ARG A 217 1.03 -3.42 -26.38
CA ARG A 217 2.40 -3.70 -25.98
C ARG A 217 2.52 -3.80 -24.47
N LEU A 218 1.72 -3.02 -23.73
CA LEU A 218 1.72 -3.13 -22.27
C LEU A 218 1.24 -4.51 -21.84
N ARG A 219 0.15 -5.00 -22.43
CA ARG A 219 -0.35 -6.34 -22.11
C ARG A 219 0.72 -7.39 -22.37
N GLU A 220 1.43 -7.29 -23.50
CA GLU A 220 2.50 -8.25 -23.80
C GLU A 220 3.64 -8.16 -22.79
N ALA A 221 4.01 -6.94 -22.40
CA ALA A 221 5.08 -6.79 -21.42
C ALA A 221 4.67 -7.40 -20.09
N ILE A 222 3.41 -7.23 -19.69
CA ILE A 222 2.95 -7.81 -18.44
C ILE A 222 2.99 -9.33 -18.54
N SER A 223 2.55 -9.87 -19.67
CA SER A 223 2.60 -11.31 -19.88
C SER A 223 4.02 -11.84 -19.81
N SER A 224 5.00 -11.02 -20.19
CA SER A 224 6.40 -11.44 -20.18
C SER A 224 7.04 -11.26 -18.81
N GLY A 225 6.32 -10.72 -17.83
CA GLY A 225 6.83 -10.62 -16.47
C GLY A 225 6.95 -9.22 -15.91
N VAL A 226 6.62 -8.16 -16.66
CA VAL A 226 6.69 -6.81 -16.12
C VAL A 226 5.65 -6.64 -15.02
N THR A 227 6.08 -6.07 -13.89
CA THR A 227 5.23 -5.89 -12.72
C THR A 227 4.93 -4.43 -12.40
N ARG A 228 5.71 -3.49 -12.92
CA ARG A 228 5.47 -2.07 -12.67
C ARG A 228 5.74 -1.29 -13.94
N ALA A 229 4.90 -0.28 -14.20
CA ALA A 229 5.06 0.53 -15.40
C ALA A 229 4.55 1.94 -15.14
N HIS A 230 5.31 2.91 -15.64
CA HIS A 230 4.95 4.32 -15.62
C HIS A 230 4.49 4.73 -17.02
N LEU A 231 3.37 5.44 -17.08
CA LEU A 231 2.91 6.05 -18.32
C LEU A 231 2.80 7.54 -18.12
N THR A 232 3.15 8.31 -19.15
CA THR A 232 2.86 9.73 -19.13
C THR A 232 1.37 9.94 -18.89
N ALA A 233 1.03 11.11 -18.36
CA ALA A 233 -0.37 11.41 -18.10
C ALA A 233 -1.23 11.23 -19.35
N GLY A 234 -0.73 11.70 -20.49
CA GLY A 234 -1.48 11.55 -21.73
C GLY A 234 -1.72 10.10 -22.11
N SER A 235 -0.68 9.26 -22.00
N SER A 235 -0.69 9.26 -21.99
CA SER A 235 -0.83 7.86 -22.37
CA SER A 235 -0.83 7.87 -22.37
C SER A 235 -1.73 7.13 -21.38
C SER A 235 -1.72 7.12 -21.38
N PHE A 236 -1.58 7.43 -20.09
CA PHE A 236 -2.41 6.79 -19.07
C PHE A 236 -3.88 7.13 -19.29
N ARG A 237 -4.19 8.40 -19.53
CA ARG A 237 -5.59 8.79 -19.76
C ARG A 237 -6.16 8.05 -20.95
N ALA A 238 -5.38 7.92 -22.02
CA ALA A 238 -5.86 7.23 -23.22
C ALA A 238 -6.17 5.77 -22.93
N VAL A 239 -5.21 5.05 -22.34
CA VAL A 239 -5.42 3.63 -22.09
C VAL A 239 -6.52 3.45 -21.05
N ALA A 240 -6.56 4.33 -20.04
CA ALA A 240 -7.58 4.22 -19.01
C ALA A 240 -8.97 4.33 -19.61
N GLU A 241 -9.14 5.20 -20.61
CA GLU A 241 -10.46 5.41 -21.17
C GLU A 241 -10.80 4.38 -22.25
N GLU A 242 -9.79 3.85 -22.94
CA GLU A 242 -9.99 2.96 -24.08
C GLU A 242 -9.91 1.49 -23.71
N SER A 243 -9.03 1.13 -22.79
CA SER A 243 -8.70 -0.25 -22.52
C SER A 243 -8.16 -0.40 -21.10
N PRO A 244 -8.92 -0.03 -20.08
CA PRO A 244 -8.37 -0.02 -18.71
C PRO A 244 -8.02 -1.42 -18.23
N GLU A 245 -8.62 -2.47 -18.79
CA GLU A 245 -8.24 -3.82 -18.44
C GLU A 245 -6.82 -4.18 -18.88
N SER A 246 -6.17 -3.36 -19.71
CA SER A 246 -4.81 -3.67 -20.13
C SER A 246 -3.81 -3.55 -18.99
N PHE A 247 -4.16 -2.88 -17.90
CA PHE A 247 -3.27 -2.79 -16.75
C PHE A 247 -3.34 -4.02 -15.85
N ALA A 248 -4.24 -4.97 -16.13
CA ALA A 248 -4.42 -6.11 -15.25
C ALA A 248 -3.15 -6.94 -15.18
N GLY A 249 -2.78 -7.31 -13.96
CA GLY A 249 -1.60 -8.10 -13.72
C GLY A 249 -0.41 -7.29 -13.24
N LEU A 250 -0.42 -5.98 -13.47
CA LEU A 250 0.59 -5.14 -12.86
C LEU A 250 0.43 -5.11 -11.35
N ARG A 251 1.56 -5.04 -10.64
N ARG A 251 1.55 -5.07 -10.64
CA ARG A 251 1.52 -4.75 -9.22
CA ARG A 251 1.51 -4.75 -9.22
C ARG A 251 1.29 -3.27 -8.96
C ARG A 251 1.19 -3.27 -9.02
N GLU A 252 1.82 -2.40 -9.82
CA GLU A 252 1.61 -0.97 -9.70
C GLU A 252 1.72 -0.32 -11.06
N VAL A 253 0.79 0.59 -11.36
CA VAL A 253 0.90 1.49 -12.51
C VAL A 253 1.09 2.89 -11.95
N LEU A 254 1.98 3.65 -12.58
CA LEU A 254 2.32 4.99 -12.14
C LEU A 254 2.07 5.96 -13.27
N THR A 255 1.74 7.21 -12.92
CA THR A 255 1.52 8.20 -13.96
C THR A 255 1.71 9.59 -13.37
N GLY A 256 2.09 10.54 -14.22
CA GLY A 256 2.25 11.91 -13.80
C GLY A 256 2.85 12.70 -14.95
N GLY A 257 3.21 13.95 -14.65
CA GLY A 257 3.69 14.88 -15.66
C GLY A 257 2.80 16.03 -16.11
N ASP A 258 1.54 15.70 -16.33
CA ASP A 258 0.50 16.65 -16.72
C ASP A 258 -0.72 16.27 -15.92
N VAL A 259 -1.81 17.02 -16.09
CA VAL A 259 -2.98 16.76 -15.27
C VAL A 259 -3.53 15.38 -15.59
N VAL A 260 -3.93 14.66 -14.54
CA VAL A 260 -4.61 13.38 -14.64
C VAL A 260 -5.98 13.52 -13.99
N PRO A 261 -7.07 13.32 -14.71
CA PRO A 261 -8.39 13.43 -14.07
C PRO A 261 -8.71 12.19 -13.26
N ALA A 262 -9.43 12.41 -12.16
CA ALA A 262 -9.83 11.30 -11.31
C ALA A 262 -10.58 10.22 -12.09
N HIS A 263 -11.35 10.61 -13.11
CA HIS A 263 -12.15 9.64 -13.86
C HIS A 263 -11.26 8.56 -14.49
N ALA A 264 -10.07 8.94 -14.98
CA ALA A 264 -9.16 7.97 -15.56
C ALA A 264 -8.71 6.95 -14.52
N VAL A 265 -8.35 7.42 -13.33
CA VAL A 265 -7.96 6.50 -12.25
C VAL A 265 -9.14 5.59 -11.89
N ALA A 266 -10.35 6.13 -11.85
CA ALA A 266 -11.51 5.32 -11.50
C ALA A 266 -11.76 4.22 -12.54
N ARG A 267 -11.56 4.53 -13.82
CA ARG A 267 -11.70 3.50 -14.86
C ARG A 267 -10.74 2.35 -14.63
N VAL A 268 -9.49 2.66 -14.26
CA VAL A 268 -8.51 1.60 -14.03
C VAL A 268 -8.90 0.78 -12.81
N ARG A 269 -9.28 1.45 -11.71
CA ARG A 269 -9.64 0.71 -10.50
C ARG A 269 -10.84 -0.20 -10.75
N SER A 270 -11.78 0.25 -11.58
CA SER A 270 -12.96 -0.58 -11.85
C SER A 270 -12.58 -1.85 -12.61
N ALA A 271 -11.71 -1.72 -13.60
CA ALA A 271 -11.29 -2.87 -14.40
C ALA A 271 -10.28 -3.74 -13.67
N CYS A 272 -9.47 -3.15 -12.79
CA CYS A 272 -8.32 -3.82 -12.19
C CYS A 272 -8.36 -3.54 -10.69
N PRO A 273 -9.20 -4.27 -9.95
CA PRO A 273 -9.38 -3.95 -8.53
C PRO A 273 -8.11 -4.06 -7.71
N ARG A 274 -7.12 -4.84 -8.14
N ARG A 274 -7.15 -4.89 -8.11
CA ARG A 274 -5.96 -5.14 -7.33
CA ARG A 274 -6.00 -5.20 -7.28
C ARG A 274 -4.69 -4.40 -7.71
C ARG A 274 -4.73 -4.45 -7.68
N VAL A 275 -4.70 -3.60 -8.76
N VAL A 275 -4.78 -3.61 -8.70
CA VAL A 275 -3.50 -2.91 -9.19
CA VAL A 275 -3.61 -2.87 -9.14
C VAL A 275 -3.35 -1.61 -8.40
C VAL A 275 -3.42 -1.65 -8.25
N ARG A 276 -2.21 -1.45 -7.76
CA ARG A 276 -1.87 -0.18 -7.12
C ARG A 276 -1.75 0.89 -8.20
N ILE A 277 -2.32 2.07 -7.93
CA ILE A 277 -2.25 3.20 -8.85
C ILE A 277 -1.58 4.36 -8.14
N ARG A 278 -0.45 4.82 -8.69
CA ARG A 278 0.32 5.88 -8.04
C ARG A 278 0.41 7.09 -8.96
N HIS A 279 0.03 8.24 -8.43
CA HIS A 279 0.12 9.53 -9.09
C HIS A 279 1.36 10.25 -8.58
N LEU A 280 2.21 10.70 -9.49
CA LEU A 280 3.43 11.41 -9.14
C LEU A 280 3.33 12.87 -9.54
N TYR A 281 3.91 13.75 -8.72
CA TYR A 281 3.98 15.17 -9.04
C TYR A 281 5.36 15.72 -8.69
N GLY A 282 5.94 16.47 -9.62
CA GLY A 282 7.10 17.29 -9.27
C GLY A 282 7.87 17.76 -10.48
N PRO A 283 8.65 18.82 -10.33
CA PRO A 283 9.45 19.34 -11.43
C PRO A 283 10.81 18.66 -11.55
N THR A 284 11.45 18.87 -12.70
CA THR A 284 12.79 18.34 -12.90
C THR A 284 13.74 18.90 -11.85
N GLU A 285 13.49 20.13 -11.41
CA GLU A 285 14.31 20.81 -10.42
C GLU A 285 14.36 20.12 -9.06
N THR A 286 13.42 19.21 -8.76
CA THR A 286 13.48 18.47 -7.49
C THR A 286 13.47 16.96 -7.72
N THR A 287 14.01 16.51 -8.85
CA THR A 287 14.35 15.12 -9.14
C THR A 287 13.12 14.20 -9.21
N LEU A 288 12.50 14.19 -10.40
CA LEU A 288 11.36 13.37 -10.79
C LEU A 288 10.08 13.78 -10.07
N CYS A 289 9.98 13.51 -8.77
CA CYS A 289 8.74 13.81 -8.06
C CYS A 289 9.00 14.18 -6.61
N ALA A 290 8.19 15.11 -6.10
CA ALA A 290 8.26 15.57 -4.73
C ALA A 290 7.07 15.14 -3.89
N THR A 291 5.93 14.88 -4.52
CA THR A 291 4.75 14.41 -3.82
C THR A 291 4.15 13.25 -4.61
N TRP A 292 3.34 12.45 -3.93
CA TRP A 292 2.68 11.37 -4.64
C TRP A 292 1.42 10.95 -3.91
N HIS A 293 0.52 10.30 -4.65
CA HIS A 293 -0.74 9.79 -4.12
C HIS A 293 -0.88 8.35 -4.58
N LEU A 294 -1.09 7.44 -3.63
CA LEU A 294 -1.17 6.02 -3.93
C LEU A 294 -2.58 5.53 -3.64
N LEU A 295 -3.20 4.88 -4.62
CA LEU A 295 -4.50 4.25 -4.44
C LEU A 295 -4.25 2.76 -4.23
N GLU A 296 -4.53 2.28 -3.03
CA GLU A 296 -4.32 0.88 -2.70
C GLU A 296 -5.39 0.04 -3.39
N PRO A 297 -5.10 -1.24 -3.62
CA PRO A 297 -6.10 -2.13 -4.21
C PRO A 297 -7.41 -2.08 -3.43
N GLY A 298 -8.52 -2.07 -4.16
CA GLY A 298 -9.84 -2.04 -3.56
C GLY A 298 -10.35 -0.68 -3.17
N ASP A 299 -9.48 0.32 -3.02
CA ASP A 299 -9.92 1.65 -2.64
C ASP A 299 -10.32 2.41 -3.90
N GLU A 300 -11.32 3.28 -3.76
CA GLU A 300 -11.83 4.08 -4.86
C GLU A 300 -11.33 5.51 -4.72
N ILE A 301 -11.00 6.11 -5.85
CA ILE A 301 -10.59 7.50 -5.83
C ILE A 301 -11.85 8.36 -5.75
N GLY A 302 -11.75 9.48 -5.05
N GLY A 302 -11.73 9.47 -5.04
CA GLY A 302 -12.89 10.36 -4.91
CA GLY A 302 -12.83 10.40 -4.88
C GLY A 302 -13.16 11.13 -6.18
C GLY A 302 -13.04 11.21 -6.15
N PRO A 303 -13.82 12.29 -6.05
CA PRO A 303 -14.03 13.15 -7.22
C PRO A 303 -12.77 13.89 -7.67
N VAL A 304 -11.73 13.96 -6.84
CA VAL A 304 -10.51 14.68 -7.16
C VAL A 304 -9.32 13.77 -6.88
N LEU A 305 -8.33 13.83 -7.75
CA LEU A 305 -7.09 13.09 -7.60
C LEU A 305 -6.04 14.02 -7.00
N PRO A 306 -5.63 13.85 -5.75
CA PRO A 306 -4.60 14.72 -5.18
C PRO A 306 -3.27 14.53 -5.89
N ILE A 307 -2.45 15.58 -5.90
CA ILE A 307 -1.04 15.37 -6.15
C ILE A 307 -0.37 14.72 -4.94
N GLY A 308 -1.03 14.74 -3.79
CA GLY A 308 -0.70 13.84 -2.70
C GLY A 308 0.13 14.42 -1.58
N ARG A 309 0.94 13.58 -0.97
CA ARG A 309 1.77 13.98 0.17
C ARG A 309 3.24 13.94 -0.23
N PRO A 310 4.07 14.78 0.39
CA PRO A 310 5.51 14.73 0.09
C PRO A 310 6.06 13.32 0.25
N LEU A 311 6.97 12.94 -0.64
CA LEU A 311 7.70 11.71 -0.45
C LEU A 311 8.41 11.72 0.90
N PRO A 312 8.65 10.56 1.50
CA PRO A 312 9.53 10.48 2.67
C PRO A 312 10.83 11.25 2.46
N GLY A 313 11.14 12.12 3.43
CA GLY A 313 12.34 12.93 3.36
C GLY A 313 12.13 14.27 2.70
N ARG A 314 10.94 14.54 2.18
CA ARG A 314 10.61 15.82 1.57
C ARG A 314 9.56 16.54 2.38
N ARG A 315 9.41 17.82 2.05
CA ARG A 315 8.44 18.71 2.66
C ARG A 315 7.87 19.62 1.58
N ALA A 316 6.63 20.06 1.80
CA ALA A 316 5.98 21.03 0.95
C ALA A 316 5.41 22.15 1.81
N GLN A 317 5.35 23.35 1.24
CA GLN A 317 4.73 24.49 1.90
C GLN A 317 3.83 25.20 0.90
N VAL A 318 2.68 25.68 1.38
CA VAL A 318 1.79 26.50 0.60
C VAL A 318 1.77 27.87 1.27
N LEU A 319 2.31 28.87 0.59
CA LEU A 319 2.51 30.20 1.17
C LEU A 319 1.73 31.23 0.38
N ASP A 320 1.33 32.31 1.06
CA ASP A 320 0.63 33.41 0.41
C ASP A 320 1.65 34.42 -0.10
N ALA A 321 1.16 35.58 -0.55
CA ALA A 321 2.06 36.56 -1.16
C ALA A 321 2.98 37.24 -0.16
N SER A 322 2.75 37.07 1.13
CA SER A 322 3.64 37.55 2.17
C SER A 322 4.59 36.46 2.67
N LEU A 323 4.59 35.30 2.02
CA LEU A 323 5.42 34.15 2.37
C LEU A 323 5.00 33.54 3.71
N ARG A 324 3.74 33.72 4.10
CA ARG A 324 3.21 33.07 5.30
C ARG A 324 2.38 31.85 4.90
N ALA A 325 2.47 30.81 5.71
CA ALA A 325 1.74 29.59 5.44
C ALA A 325 0.24 29.82 5.57
N VAL A 326 -0.51 29.26 4.63
CA VAL A 326 -1.96 29.39 4.61
C VAL A 326 -2.56 28.19 5.32
N ALA A 327 -3.82 28.31 5.73
CA ALA A 327 -4.51 27.19 6.36
C ALA A 327 -5.06 26.24 5.30
N PRO A 328 -5.47 25.04 5.69
CA PRO A 328 -6.05 24.11 4.71
C PRO A 328 -7.25 24.72 4.01
N GLY A 329 -7.46 24.27 2.77
CA GLY A 329 -8.54 24.79 1.95
C GLY A 329 -8.30 26.15 1.38
N VAL A 330 -7.09 26.69 1.51
CA VAL A 330 -6.72 27.99 0.98
C VAL A 330 -5.68 27.77 -0.10
N ILE A 331 -5.93 28.31 -1.29
CA ILE A 331 -5.01 28.13 -2.40
C ILE A 331 -3.87 29.13 -2.24
N GLY A 332 -2.65 28.63 -2.38
CA GLY A 332 -1.48 29.48 -2.33
C GLY A 332 -0.37 28.96 -3.22
N ASP A 333 0.82 29.55 -3.12
CA ASP A 333 1.97 29.17 -3.94
C ASP A 333 2.65 27.95 -3.34
N LEU A 334 2.98 26.97 -4.18
CA LEU A 334 3.57 25.73 -3.70
C LEU A 334 5.09 25.80 -3.79
N TYR A 335 5.76 25.46 -2.69
CA TYR A 335 7.22 25.39 -2.60
C TYR A 335 7.60 24.00 -2.11
N LEU A 336 8.68 23.45 -2.65
CA LEU A 336 9.09 22.08 -2.36
C LEU A 336 10.46 22.10 -1.69
N SER A 337 10.62 21.31 -0.63
CA SER A 337 11.88 21.33 0.11
C SER A 337 12.22 19.95 0.63
N GLY A 338 13.29 19.90 1.41
CA GLY A 338 13.84 18.67 1.93
C GLY A 338 14.76 18.06 0.89
N ALA A 339 14.65 16.75 0.72
CA ALA A 339 15.53 16.00 -0.15
C ALA A 339 15.22 16.28 -1.62
N GLY A 340 16.22 16.06 -2.47
CA GLY A 340 16.01 15.97 -3.90
C GLY A 340 16.21 17.24 -4.70
N LEU A 341 16.60 18.35 -4.08
CA LEU A 341 16.77 19.58 -4.85
C LEU A 341 17.98 19.48 -5.78
N ALA A 342 17.84 20.02 -6.98
CA ALA A 342 18.99 20.22 -7.85
C ALA A 342 19.93 21.26 -7.23
N ASP A 343 21.19 21.25 -7.67
CA ASP A 343 22.08 22.33 -7.30
C ASP A 343 21.57 23.66 -7.84
N GLY A 344 21.05 23.64 -9.05
CA GLY A 344 20.53 24.84 -9.69
C GLY A 344 20.54 24.66 -11.21
N TYR A 345 20.55 25.80 -11.90
CA TYR A 345 20.56 25.84 -13.35
C TYR A 345 22.00 26.10 -13.78
N LEU A 346 22.57 25.18 -14.57
CA LEU A 346 23.97 25.32 -14.93
C LEU A 346 24.22 26.66 -15.61
N ARG A 347 25.29 27.33 -15.19
CA ARG A 347 25.75 28.61 -15.74
C ARG A 347 24.77 29.75 -15.50
N ARG A 348 23.76 29.58 -14.66
CA ARG A 348 22.71 30.57 -14.45
C ARG A 348 22.43 30.75 -12.96
N ALA A 349 23.39 31.35 -12.27
CA ALA A 349 23.28 31.50 -10.81
C ALA A 349 22.16 32.46 -10.44
N GLY A 350 21.96 33.53 -11.23
CA GLY A 350 20.91 34.46 -10.91
C GLY A 350 19.54 33.82 -10.98
N LEU A 351 19.28 33.08 -12.06
CA LEU A 351 18.03 32.35 -12.18
C LEU A 351 17.88 31.34 -11.04
N THR A 352 18.98 30.68 -10.66
CA THR A 352 18.93 29.74 -9.57
C THR A 352 18.50 30.43 -8.28
N ALA A 353 19.07 31.60 -8.01
CA ALA A 353 18.83 32.29 -6.75
C ALA A 353 17.41 32.83 -6.65
N GLU A 354 16.70 32.99 -7.76
CA GLU A 354 15.33 33.47 -7.69
C GLU A 354 14.31 32.34 -7.68
N ARG A 355 14.73 31.08 -7.86
CA ARG A 355 13.80 29.95 -7.84
C ARG A 355 14.12 28.91 -6.77
N PHE A 356 15.39 28.76 -6.40
CA PHE A 356 15.83 27.92 -5.29
C PHE A 356 16.10 28.87 -4.14
N VAL A 357 15.08 29.14 -3.33
CA VAL A 357 15.13 30.27 -2.41
C VAL A 357 15.24 29.76 -0.96
N ALA A 358 15.59 30.68 -0.06
CA ALA A 358 15.75 30.33 1.34
C ALA A 358 14.44 29.80 1.92
N ASP A 359 14.57 28.76 2.74
CA ASP A 359 13.43 28.09 3.35
C ASP A 359 13.24 28.61 4.77
N PRO A 360 12.18 29.36 5.05
CA PRO A 360 12.02 29.94 6.39
C PRO A 360 11.80 28.90 7.48
N SER A 361 11.50 27.65 7.12
CA SER A 361 11.15 26.62 8.09
C SER A 361 12.28 25.65 8.39
N ALA A 362 13.44 25.80 7.75
CA ALA A 362 14.52 24.85 7.91
C ALA A 362 15.86 25.56 7.84
N PRO A 363 16.64 25.59 8.92
CA PRO A 363 17.80 26.48 8.98
C PRO A 363 18.79 26.21 7.86
N GLY A 364 19.18 27.28 7.16
CA GLY A 364 20.16 27.21 6.11
C GLY A 364 19.75 26.48 4.85
N ALA A 365 18.50 26.06 4.74
CA ALA A 365 18.06 25.21 3.64
C ALA A 365 17.33 26.04 2.58
N ARG A 366 17.18 25.43 1.40
CA ARG A 366 16.47 26.03 0.28
C ARG A 366 15.14 25.30 0.03
N MET A 367 14.23 26.03 -0.63
CA MET A 367 13.01 25.46 -1.17
C MET A 367 12.84 25.90 -2.62
N TYR A 368 12.26 25.02 -3.44
CA TYR A 368 12.09 25.28 -4.86
C TYR A 368 10.70 25.84 -5.14
N ARG A 369 10.66 27.02 -5.77
CA ARG A 369 9.43 27.71 -6.16
C ARG A 369 8.83 27.12 -7.44
N THR A 370 7.73 26.36 -7.28
CA THR A 370 7.23 25.58 -8.41
C THR A 370 6.53 26.43 -9.47
N GLY A 371 6.00 27.59 -9.09
CA GLY A 371 5.12 28.31 -9.99
C GLY A 371 3.72 27.73 -10.11
N ASP A 372 3.39 26.71 -9.33
CA ASP A 372 2.06 26.13 -9.29
C ASP A 372 1.32 26.59 -8.05
N LEU A 373 -0.01 26.47 -8.10
CA LEU A 373 -0.88 26.75 -6.97
C LEU A 373 -1.39 25.43 -6.41
N ALA A 374 -1.62 25.41 -5.10
CA ALA A 374 -2.08 24.19 -4.44
C ALA A 374 -2.79 24.59 -3.15
N GLN A 375 -3.52 23.64 -2.59
CA GLN A 375 -4.14 23.78 -1.28
C GLN A 375 -3.97 22.48 -0.52
N TRP A 376 -3.93 22.58 0.81
CA TRP A 376 -3.85 21.39 1.63
C TRP A 376 -5.23 20.80 1.91
N THR A 377 -5.27 19.48 2.04
CA THR A 377 -6.40 18.86 2.70
C THR A 377 -6.19 18.91 4.20
N ALA A 378 -7.25 18.56 4.94
CA ALA A 378 -7.21 18.68 6.40
C ALA A 378 -6.15 17.77 7.01
N ASP A 379 -5.86 16.63 6.36
CA ASP A 379 -4.93 15.65 6.92
C ASP A 379 -3.60 15.63 6.20
N GLY A 380 -3.28 16.66 5.42
CA GLY A 380 -1.93 16.89 4.98
C GLY A 380 -1.57 16.39 3.60
N ALA A 381 -2.55 16.16 2.73
CA ALA A 381 -2.30 15.95 1.31
C ALA A 381 -2.51 17.27 0.56
N LEU A 382 -2.02 17.30 -0.67
CA LEU A 382 -2.09 18.48 -1.52
C LEU A 382 -2.99 18.25 -2.72
N LEU A 383 -3.77 19.27 -3.05
CA LEU A 383 -4.58 19.30 -4.26
C LEU A 383 -4.03 20.36 -5.19
N PHE A 384 -3.90 20.00 -6.47
CA PHE A 384 -3.42 20.94 -7.48
C PHE A 384 -4.50 21.98 -7.79
N ALA A 385 -4.06 23.23 -8.01
CA ALA A 385 -4.96 24.32 -8.34
C ALA A 385 -4.52 25.12 -9.58
N GLY A 386 -3.72 24.51 -10.44
CA GLY A 386 -3.32 25.12 -11.70
C GLY A 386 -2.00 25.86 -11.61
N ARG A 387 -1.42 26.14 -12.78
CA ARG A 387 -0.23 26.97 -12.82
C ARG A 387 -0.60 28.40 -12.46
N ALA A 388 0.30 29.09 -11.74
CA ALA A 388 0.06 30.49 -11.41
C ALA A 388 -0.04 31.35 -12.66
N ASP A 389 0.63 30.97 -13.75
CA ASP A 389 0.66 31.76 -14.97
C ASP A 389 -0.38 31.30 -15.99
N ASP A 390 -1.12 30.24 -15.72
CA ASP A 390 -2.12 29.72 -16.64
C ASP A 390 -3.52 29.95 -16.06
N SER B 2 -20.22 -14.93 -2.58
CA SER B 2 -19.17 -15.94 -2.77
C SER B 2 -18.99 -16.79 -1.51
N THR B 3 -18.10 -17.78 -1.60
CA THR B 3 -17.66 -18.55 -0.45
C THR B 3 -16.15 -18.72 -0.56
N VAL B 4 -15.49 -18.91 0.59
CA VAL B 4 -14.04 -19.15 0.55
C VAL B 4 -13.74 -20.40 -0.25
N PRO B 5 -14.50 -21.50 -0.14
CA PRO B 5 -14.22 -22.65 -1.01
C PRO B 5 -14.31 -22.33 -2.50
N GLU B 6 -15.24 -21.46 -2.91
CA GLU B 6 -15.30 -21.05 -4.31
C GLU B 6 -14.05 -20.29 -4.71
N LEU B 7 -13.62 -19.34 -3.87
CA LEU B 7 -12.42 -18.56 -4.18
C LEU B 7 -11.17 -19.43 -4.19
N LEU B 8 -11.07 -20.35 -3.24
CA LEU B 8 -9.95 -21.28 -3.21
C LEU B 8 -9.94 -22.17 -4.46
N ALA B 9 -11.10 -22.65 -4.89
CA ALA B 9 -11.15 -23.49 -6.09
C ALA B 9 -10.52 -22.79 -7.29
N ARG B 10 -10.69 -21.48 -7.42
CA ARG B 10 -10.06 -20.75 -8.52
C ARG B 10 -8.54 -20.90 -8.47
N GLN B 11 -7.97 -20.89 -7.27
CA GLN B 11 -6.53 -21.01 -7.12
C GLN B 11 -6.06 -22.45 -7.32
N VAL B 12 -6.87 -23.42 -6.91
CA VAL B 12 -6.52 -24.82 -7.15
C VAL B 12 -6.45 -25.10 -8.65
N THR B 13 -7.39 -24.52 -9.41
CA THR B 13 -7.38 -24.70 -10.85
C THR B 13 -6.21 -23.97 -11.50
N ARG B 14 -5.93 -22.74 -11.06
CA ARG B 14 -4.91 -21.94 -11.72
C ARG B 14 -3.51 -22.52 -11.51
N ALA B 15 -3.21 -22.98 -10.29
CA ALA B 15 -1.85 -23.37 -9.92
C ALA B 15 -1.93 -24.51 -8.92
N PRO B 16 -2.33 -25.71 -9.37
CA PRO B 16 -2.49 -26.82 -8.44
C PRO B 16 -1.22 -27.24 -7.72
N ASP B 17 -0.04 -26.99 -8.30
CA ASP B 17 1.20 -27.43 -7.70
C ASP B 17 1.90 -26.33 -6.92
N ALA B 18 1.27 -25.17 -6.79
CA ALA B 18 1.75 -24.14 -5.86
C ALA B 18 1.66 -24.65 -4.43
N VAL B 19 2.56 -24.18 -3.57
CA VAL B 19 2.56 -24.56 -2.16
C VAL B 19 1.43 -23.82 -1.46
N ALA B 20 0.59 -24.58 -0.74
CA ALA B 20 -0.51 -24.04 0.05
C ALA B 20 -0.19 -23.96 1.54
N VAL B 21 0.35 -25.03 2.13
CA VAL B 21 0.62 -25.08 3.56
C VAL B 21 2.01 -25.64 3.78
N VAL B 22 2.77 -24.99 4.67
CA VAL B 22 4.08 -25.46 5.12
C VAL B 22 3.97 -25.74 6.61
N ASP B 23 4.17 -26.99 6.99
CA ASP B 23 4.07 -27.45 8.38
C ASP B 23 5.35 -28.20 8.73
N ARG B 24 6.33 -27.50 9.29
CA ARG B 24 7.66 -28.06 9.58
C ARG B 24 8.22 -28.61 8.27
N ASP B 25 8.45 -29.92 8.13
CA ASP B 25 8.93 -30.47 6.88
C ASP B 25 7.82 -30.94 5.96
N ARG B 26 6.57 -30.95 6.43
CA ARG B 26 5.45 -31.35 5.58
C ARG B 26 4.99 -30.15 4.75
N VAL B 27 4.94 -30.35 3.43
CA VAL B 27 4.48 -29.33 2.49
C VAL B 27 3.26 -29.88 1.76
N LEU B 28 2.17 -29.11 1.75
CA LEU B 28 0.98 -29.44 0.99
C LEU B 28 0.81 -28.47 -0.18
N THR B 29 0.66 -29.01 -1.38
CA THR B 29 0.26 -28.18 -2.51
C THR B 29 -1.24 -27.88 -2.47
N TYR B 30 -1.65 -26.93 -3.31
CA TYR B 30 -3.07 -26.63 -3.45
C TYR B 30 -3.86 -27.87 -3.85
N ARG B 31 -3.34 -28.65 -4.80
CA ARG B 31 -4.00 -29.88 -5.20
C ARG B 31 -4.11 -30.85 -4.02
N GLU B 32 -3.01 -31.04 -3.28
CA GLU B 32 -3.02 -31.96 -2.15
C GLU B 32 -3.96 -31.51 -1.04
N LEU B 33 -4.00 -30.21 -0.75
CA LEU B 33 -4.93 -29.71 0.26
C LEU B 33 -6.37 -30.01 -0.13
N ASP B 34 -6.70 -29.77 -1.39
CA ASP B 34 -8.06 -30.03 -1.86
C ASP B 34 -8.41 -31.50 -1.77
N GLU B 35 -7.46 -32.38 -2.15
CA GLU B 35 -7.72 -33.81 -2.16
C GLU B 35 -7.90 -34.35 -0.75
N LEU B 36 -7.06 -33.90 0.19
CA LEU B 36 -7.19 -34.37 1.56
C LEU B 36 -8.49 -33.86 2.20
N ALA B 37 -8.86 -32.61 1.90
CA ALA B 37 -10.14 -32.10 2.40
C ALA B 37 -11.31 -32.85 1.80
N GLY B 38 -11.23 -33.21 0.52
CA GLY B 38 -12.29 -34.01 -0.08
C GLY B 38 -12.44 -35.37 0.56
N ARG B 39 -11.31 -35.99 0.93
CA ARG B 39 -11.35 -37.28 1.60
C ARG B 39 -12.04 -37.21 2.96
N LEU B 40 -11.70 -36.18 3.75
CA LEU B 40 -12.35 -36.05 5.06
C LEU B 40 -13.80 -35.63 4.92
N SER B 41 -14.11 -34.78 3.93
CA SER B 41 -15.49 -34.45 3.64
C SER B 41 -16.31 -35.70 3.36
N GLY B 42 -15.74 -36.63 2.60
CA GLY B 42 -16.43 -37.88 2.34
C GLY B 42 -16.71 -38.69 3.60
N ARG B 43 -15.78 -38.66 4.56
CA ARG B 43 -16.03 -39.32 5.84
C ARG B 43 -17.16 -38.65 6.61
N LEU B 44 -17.24 -37.32 6.55
CA LEU B 44 -18.32 -36.63 7.24
C LEU B 44 -19.64 -36.92 6.56
N ILE B 45 -19.69 -36.81 5.23
CA ILE B 45 -20.91 -37.10 4.51
C ILE B 45 -21.31 -38.56 4.73
N GLY B 46 -20.32 -39.46 4.77
CA GLY B 46 -20.60 -40.87 4.97
C GLY B 46 -21.28 -41.18 6.29
N ARG B 47 -20.96 -40.41 7.34
CA ARG B 47 -21.64 -40.60 8.61
C ARG B 47 -23.04 -40.02 8.65
N GLY B 48 -23.41 -39.22 7.67
CA GLY B 48 -24.71 -38.58 7.64
C GLY B 48 -24.71 -37.09 7.91
N VAL B 49 -23.53 -36.47 8.03
CA VAL B 49 -23.49 -35.02 8.23
C VAL B 49 -24.25 -34.35 7.09
N ARG B 50 -25.12 -33.41 7.44
CA ARG B 50 -25.97 -32.75 6.49
C ARG B 50 -25.72 -31.25 6.50
N ARG B 51 -26.17 -30.59 5.42
CA ARG B 51 -25.98 -29.16 5.27
C ARG B 51 -26.49 -28.44 6.51
N GLY B 52 -25.66 -27.53 7.03
CA GLY B 52 -26.01 -26.76 8.21
C GLY B 52 -25.63 -27.38 9.53
N ASP B 53 -25.20 -28.64 9.54
CA ASP B 53 -24.66 -29.23 10.76
C ASP B 53 -23.43 -28.45 11.21
N ARG B 54 -23.14 -28.57 12.50
N ARG B 54 -23.17 -28.53 12.51
CA ARG B 54 -21.98 -27.93 13.12
CA ARG B 54 -21.99 -27.93 13.13
C ARG B 54 -21.02 -29.00 13.60
C ARG B 54 -21.03 -29.04 13.55
N VAL B 55 -19.75 -28.89 13.18
CA VAL B 55 -18.71 -29.85 13.50
C VAL B 55 -17.63 -29.12 14.27
N ALA B 56 -17.39 -29.54 15.52
CA ALA B 56 -16.36 -28.92 16.33
C ALA B 56 -14.97 -29.42 15.92
N VAL B 57 -13.96 -28.60 16.18
CA VAL B 57 -12.58 -28.90 15.80
C VAL B 57 -11.65 -28.68 16.99
N LEU B 58 -10.88 -29.70 17.33
CA LEU B 58 -10.00 -29.70 18.50
C LEU B 58 -8.66 -30.26 18.03
N LEU B 59 -7.79 -29.37 17.53
CA LEU B 59 -6.54 -29.77 16.93
C LEU B 59 -5.45 -28.77 17.29
N ASP B 60 -4.21 -29.24 17.31
CA ASP B 60 -3.09 -28.31 17.35
C ASP B 60 -2.87 -27.76 15.94
N ARG B 61 -2.37 -26.54 15.85
CA ARG B 61 -2.16 -25.96 14.53
C ARG B 61 -1.20 -26.83 13.73
N SER B 62 -1.56 -27.05 12.47
CA SER B 62 -0.96 -28.10 11.66
C SER B 62 -1.61 -28.05 10.28
N ALA B 63 -0.99 -28.75 9.33
CA ALA B 63 -1.61 -28.90 8.02
C ALA B 63 -2.96 -29.60 8.14
N ASP B 64 -3.07 -30.57 9.05
CA ASP B 64 -4.32 -31.30 9.21
C ASP B 64 -5.44 -30.38 9.71
N LEU B 65 -5.10 -29.33 10.45
N LEU B 65 -5.10 -29.33 10.47
CA LEU B 65 -6.11 -28.35 10.86
CA LEU B 65 -6.12 -28.36 10.85
C LEU B 65 -6.72 -27.66 9.64
C LEU B 65 -6.72 -27.69 9.63
N VAL B 66 -5.87 -27.22 8.71
CA VAL B 66 -6.37 -26.54 7.52
C VAL B 66 -7.22 -27.50 6.70
N VAL B 67 -6.74 -28.74 6.53
CA VAL B 67 -7.51 -29.78 5.84
C VAL B 67 -8.88 -29.93 6.48
N THR B 68 -8.91 -29.95 7.81
CA THR B 68 -10.16 -30.21 8.53
C THR B 68 -11.17 -29.09 8.32
N LEU B 69 -10.72 -27.83 8.42
CA LEU B 69 -11.66 -26.73 8.26
C LEU B 69 -12.26 -26.73 6.86
N LEU B 70 -11.41 -26.95 5.84
CA LEU B 70 -11.92 -27.00 4.47
C LEU B 70 -12.85 -28.20 4.27
N ALA B 71 -12.52 -29.34 4.86
CA ALA B 71 -13.36 -30.53 4.72
C ALA B 71 -14.76 -30.30 5.27
N ILE B 72 -14.85 -29.68 6.45
CA ILE B 72 -16.14 -29.38 7.04
C ILE B 72 -16.95 -28.51 6.11
N TRP B 73 -16.31 -27.49 5.53
CA TRP B 73 -16.97 -26.63 4.57
C TRP B 73 -17.42 -27.38 3.33
N LYS B 74 -16.58 -28.27 2.80
CA LYS B 74 -16.96 -29.07 1.64
C LYS B 74 -18.17 -29.94 1.92
N ALA B 75 -18.35 -30.36 3.17
CA ALA B 75 -19.48 -31.20 3.53
C ALA B 75 -20.76 -30.40 3.72
N GLY B 76 -20.72 -29.09 3.53
CA GLY B 76 -21.88 -28.25 3.72
C GLY B 76 -22.11 -27.84 5.15
N ALA B 77 -21.15 -28.09 6.04
CA ALA B 77 -21.30 -27.86 7.46
C ALA B 77 -20.49 -26.63 7.86
N ALA B 78 -20.69 -26.21 9.11
CA ALA B 78 -20.01 -25.09 9.73
C ALA B 78 -19.06 -25.63 10.78
N TYR B 79 -17.87 -25.04 10.89
CA TYR B 79 -16.93 -25.51 11.92
C TYR B 79 -17.07 -24.67 13.19
N VAL B 80 -16.90 -25.33 14.32
CA VAL B 80 -16.92 -24.70 15.63
C VAL B 80 -15.55 -24.88 16.24
N PRO B 81 -14.68 -23.87 16.13
CA PRO B 81 -13.28 -24.06 16.52
C PRO B 81 -13.13 -23.99 18.03
N VAL B 82 -12.44 -24.98 18.60
CA VAL B 82 -12.18 -25.05 20.03
C VAL B 82 -10.68 -25.17 20.24
N ASP B 83 -10.12 -24.27 21.05
CA ASP B 83 -8.69 -24.29 21.32
C ASP B 83 -8.37 -25.43 22.27
N ALA B 84 -7.39 -26.26 21.92
CA ALA B 84 -7.06 -27.42 22.73
C ALA B 84 -6.56 -27.04 24.10
N GLY B 85 -6.19 -25.77 24.31
CA GLY B 85 -5.75 -25.31 25.61
C GLY B 85 -6.86 -24.82 26.51
N TYR B 86 -8.11 -24.86 26.07
CA TYR B 86 -9.20 -24.47 26.94
C TYR B 86 -9.45 -25.57 27.98
N PRO B 87 -9.84 -25.19 29.20
CA PRO B 87 -10.21 -26.21 30.20
C PRO B 87 -11.46 -26.97 29.77
N ALA B 88 -11.60 -28.17 30.33
CA ALA B 88 -12.68 -29.04 29.89
C ALA B 88 -14.08 -28.43 30.04
N PRO B 89 -14.42 -27.72 31.11
CA PRO B 89 -15.79 -27.15 31.15
C PRO B 89 -16.05 -26.12 30.07
N ARG B 90 -15.04 -25.34 29.68
CA ARG B 90 -15.24 -24.40 28.58
C ARG B 90 -15.44 -25.14 27.27
N VAL B 91 -14.64 -26.18 27.02
CA VAL B 91 -14.83 -26.99 25.81
C VAL B 91 -16.24 -27.57 25.76
N ALA B 92 -16.68 -28.19 26.87
CA ALA B 92 -17.99 -28.82 26.88
C ALA B 92 -19.10 -27.81 26.66
N PHE B 93 -19.00 -26.64 27.29
CA PHE B 93 -20.03 -25.61 27.10
C PHE B 93 -20.12 -25.19 25.64
N MET B 94 -18.97 -24.95 24.99
CA MET B 94 -19.01 -24.47 23.61
C MET B 94 -19.61 -25.51 22.69
N VAL B 95 -19.28 -26.79 22.88
CA VAL B 95 -19.86 -27.84 22.05
C VAL B 95 -21.37 -27.89 22.24
N ALA B 96 -21.82 -27.88 23.49
CA ALA B 96 -23.25 -27.97 23.76
C ALA B 96 -23.99 -26.72 23.32
N ASP B 97 -23.41 -25.54 23.56
CA ASP B 97 -24.10 -24.30 23.17
C ASP B 97 -24.24 -24.21 21.66
N SER B 98 -23.20 -24.61 20.93
CA SER B 98 -23.17 -24.46 19.49
C SER B 98 -23.98 -25.51 18.76
N GLY B 99 -24.38 -26.58 19.43
CA GLY B 99 -25.10 -27.62 18.74
C GLY B 99 -24.22 -28.53 17.92
N ALA B 100 -22.90 -28.46 18.12
CA ALA B 100 -22.02 -29.34 17.38
C ALA B 100 -22.33 -30.78 17.73
N SER B 101 -22.38 -31.64 16.73
CA SER B 101 -22.76 -33.03 16.92
C SER B 101 -21.59 -33.99 16.85
N ARG B 102 -20.44 -33.54 16.36
CA ARG B 102 -19.27 -34.36 16.15
C ARG B 102 -18.05 -33.46 16.31
N MET B 103 -16.93 -34.04 16.70
CA MET B 103 -15.70 -33.26 16.94
C MET B 103 -14.52 -33.94 16.27
N VAL B 104 -13.86 -33.23 15.35
CA VAL B 104 -12.63 -33.72 14.75
C VAL B 104 -11.47 -33.42 15.69
N CYS B 105 -10.63 -34.43 15.93
CA CYS B 105 -9.50 -34.33 16.84
C CYS B 105 -8.34 -35.12 16.26
N SER B 106 -7.25 -35.18 17.02
CA SER B 106 -6.06 -35.94 16.66
C SER B 106 -5.69 -36.83 17.84
N ALA B 107 -4.74 -37.73 17.62
CA ALA B 107 -4.25 -38.57 18.72
C ALA B 107 -3.82 -37.70 19.89
N ALA B 108 -3.19 -36.56 19.60
CA ALA B 108 -2.67 -35.71 20.67
C ALA B 108 -3.77 -35.01 21.47
N THR B 109 -4.91 -34.69 20.85
CA THR B 109 -5.98 -33.97 21.53
C THR B 109 -7.18 -34.83 21.89
N ARG B 110 -7.13 -36.13 21.57
CA ARG B 110 -8.30 -37.00 21.72
C ARG B 110 -8.93 -36.92 23.10
N ASP B 111 -8.11 -36.82 24.14
CA ASP B 111 -8.67 -36.88 25.49
C ASP B 111 -9.45 -35.61 25.84
N GLY B 112 -9.39 -34.59 24.99
CA GLY B 112 -10.16 -33.38 25.20
C GLY B 112 -11.56 -33.39 24.63
N VAL B 113 -11.93 -34.42 23.90
CA VAL B 113 -13.28 -34.50 23.33
C VAL B 113 -14.24 -34.86 24.46
N PRO B 114 -15.32 -34.10 24.67
CA PRO B 114 -16.22 -34.42 25.79
C PRO B 114 -16.82 -35.81 25.64
N GLU B 115 -16.97 -36.50 26.76
CA GLU B 115 -17.69 -37.77 26.75
C GLU B 115 -19.10 -37.55 26.25
N GLY B 116 -19.55 -38.41 25.34
CA GLY B 116 -20.87 -38.30 24.74
C GLY B 116 -20.89 -37.59 23.41
N ILE B 117 -19.77 -37.01 22.99
CA ILE B 117 -19.63 -36.33 21.71
C ILE B 117 -18.71 -37.17 20.84
N GLU B 118 -19.11 -37.42 19.60
CA GLU B 118 -18.29 -38.26 18.72
C GLU B 118 -16.91 -37.66 18.51
N ALA B 119 -15.88 -38.47 18.71
CA ALA B 119 -14.52 -38.13 18.32
C ALA B 119 -14.24 -38.72 16.95
N ILE B 120 -13.81 -37.86 16.02
CA ILE B 120 -13.40 -38.25 14.68
C ILE B 120 -11.91 -37.96 14.58
N VAL B 121 -11.09 -39.00 14.56
CA VAL B 121 -9.65 -38.81 14.51
C VAL B 121 -9.23 -38.53 13.08
N VAL B 122 -8.60 -37.37 12.86
CA VAL B 122 -8.41 -36.86 11.50
C VAL B 122 -7.52 -37.80 10.71
N THR B 123 -6.62 -38.53 11.36
CA THR B 123 -5.69 -39.39 10.67
C THR B 123 -6.25 -40.79 10.40
N ASP B 124 -7.43 -41.13 10.93
CA ASP B 124 -7.99 -42.45 10.68
C ASP B 124 -8.45 -42.57 9.23
N GLU B 125 -8.27 -43.78 8.68
CA GLU B 125 -8.78 -44.13 7.37
C GLU B 125 -10.16 -44.78 7.49
N GLU B 126 -11.02 -44.52 6.51
CA GLU B 126 -12.35 -45.13 6.46
C GLU B 126 -12.70 -45.45 5.02
N ALA B 127 -13.74 -46.27 4.85
CA ALA B 127 -14.10 -46.78 3.53
C ALA B 127 -14.92 -45.81 2.71
N PHE B 128 -15.36 -44.69 3.29
CA PHE B 128 -16.15 -43.68 2.56
C PHE B 128 -15.34 -43.12 1.39
N GLU B 129 -16.04 -42.73 0.34
CA GLU B 129 -15.45 -42.15 -0.86
C GLU B 129 -15.37 -40.63 -0.72
N ALA B 130 -14.40 -40.00 -1.39
CA ALA B 130 -14.28 -38.55 -1.34
C ALA B 130 -15.48 -37.94 -2.03
N SER B 131 -16.07 -36.92 -1.45
CA SER B 131 -17.21 -36.23 -2.04
C SER B 131 -17.36 -34.89 -1.34
N ALA B 132 -18.04 -33.97 -2.01
CA ALA B 132 -18.35 -32.67 -1.43
C ALA B 132 -19.80 -32.31 -1.73
N ALA B 133 -20.47 -31.74 -0.73
CA ALA B 133 -21.80 -31.19 -0.92
C ALA B 133 -21.72 -29.76 -1.43
N GLY B 134 -20.65 -29.05 -1.09
CA GLY B 134 -20.43 -27.71 -1.58
C GLY B 134 -20.90 -26.65 -0.61
N ALA B 135 -20.11 -25.59 -0.44
CA ALA B 135 -20.50 -24.48 0.41
C ALA B 135 -21.40 -23.51 -0.35
N ARG B 136 -22.26 -22.80 0.39
CA ARG B 136 -23.19 -21.84 -0.18
C ARG B 136 -23.18 -20.54 0.60
N PRO B 137 -23.32 -19.39 -0.08
CA PRO B 137 -23.01 -18.12 0.61
C PRO B 137 -23.87 -17.85 1.83
N GLY B 138 -25.15 -18.24 1.80
CA GLY B 138 -26.01 -18.02 2.96
C GLY B 138 -25.87 -19.02 4.07
N ASP B 139 -25.21 -20.15 3.81
CA ASP B 139 -25.01 -21.16 4.84
C ASP B 139 -24.01 -20.69 5.90
N LEU B 140 -24.16 -21.26 7.10
N LEU B 140 -24.16 -21.24 7.10
CA LEU B 140 -23.22 -20.99 8.18
CA LEU B 140 -23.21 -20.97 8.17
C LEU B 140 -21.83 -21.52 7.83
C LEU B 140 -21.84 -21.50 7.80
N ALA B 141 -20.82 -20.69 8.05
CA ALA B 141 -19.44 -21.10 7.86
C ALA B 141 -18.77 -21.51 9.17
N TYR B 142 -19.01 -20.76 10.24
CA TYR B 142 -18.44 -21.11 11.54
C TYR B 142 -19.23 -20.44 12.63
N VAL B 143 -19.02 -20.93 13.85
CA VAL B 143 -19.50 -20.31 15.08
C VAL B 143 -18.27 -20.03 15.93
N MET B 144 -17.96 -18.76 16.14
CA MET B 144 -16.86 -18.35 17.00
C MET B 144 -17.40 -17.67 18.25
N TYR B 145 -16.71 -17.89 19.36
CA TYR B 145 -17.20 -17.43 20.66
C TYR B 145 -16.46 -16.18 21.11
N THR B 146 -17.22 -15.25 21.70
CA THR B 146 -16.65 -14.08 22.34
C THR B 146 -15.74 -14.51 23.51
N SER B 147 -14.98 -13.54 23.99
CA SER B 147 -13.87 -13.86 24.89
C SER B 147 -14.35 -14.39 26.24
N GLY B 148 -15.48 -13.90 26.74
CA GLY B 148 -15.94 -14.37 28.03
C GLY B 148 -15.31 -13.68 29.21
N SER B 149 -14.68 -12.52 29.01
CA SER B 149 -14.05 -11.80 30.11
C SER B 149 -15.00 -10.89 30.87
N THR B 150 -16.19 -10.62 30.34
CA THR B 150 -17.20 -9.84 31.03
C THR B 150 -18.50 -10.63 31.20
N GLY B 151 -18.46 -11.95 31.03
CA GLY B 151 -19.64 -12.77 31.07
C GLY B 151 -19.43 -14.03 30.27
N ILE B 152 -20.49 -14.81 30.14
CA ILE B 152 -20.40 -16.10 29.47
C ILE B 152 -20.08 -15.88 27.99
N PRO B 153 -19.26 -16.73 27.37
CA PRO B 153 -19.01 -16.59 25.93
C PRO B 153 -20.29 -16.79 25.13
N LYS B 154 -20.47 -15.94 24.11
CA LYS B 154 -21.61 -16.03 23.20
C LYS B 154 -21.14 -16.55 21.85
N GLY B 155 -21.97 -17.39 21.22
CA GLY B 155 -21.61 -17.90 19.91
C GLY B 155 -22.06 -17.04 18.76
N VAL B 156 -21.09 -16.58 17.97
CA VAL B 156 -21.34 -15.70 16.83
C VAL B 156 -21.40 -16.56 15.57
N ALA B 157 -22.56 -16.57 14.92
CA ALA B 157 -22.81 -17.38 13.74
C ALA B 157 -22.55 -16.55 12.49
N VAL B 158 -21.56 -16.95 11.69
CA VAL B 158 -21.10 -16.15 10.56
C VAL B 158 -21.35 -16.93 9.28
N PRO B 159 -22.03 -16.37 8.29
CA PRO B 159 -22.28 -17.09 7.04
C PRO B 159 -21.08 -17.03 6.10
N HIS B 160 -21.07 -17.98 5.16
CA HIS B 160 -19.99 -18.05 4.18
C HIS B 160 -19.79 -16.74 3.44
N ARG B 161 -20.89 -16.06 3.07
N ARG B 161 -20.89 -16.04 3.10
CA ARG B 161 -20.79 -14.79 2.36
CA ARG B 161 -20.77 -14.80 2.35
C ARG B 161 -19.84 -13.85 3.09
C ARG B 161 -19.90 -13.78 3.08
N SER B 162 -20.02 -13.71 4.40
CA SER B 162 -19.24 -12.75 5.17
C SER B 162 -17.77 -13.16 5.24
N VAL B 163 -17.50 -14.47 5.39
CA VAL B 163 -16.11 -14.90 5.45
C VAL B 163 -15.43 -14.61 4.11
N ALA B 164 -16.16 -14.79 3.01
CA ALA B 164 -15.57 -14.59 1.69
C ALA B 164 -15.39 -13.10 1.39
N GLU B 165 -16.31 -12.25 1.87
CA GLU B 165 -16.12 -10.81 1.71
C GLU B 165 -14.86 -10.35 2.44
N LEU B 166 -14.59 -10.92 3.62
CA LEU B 166 -13.35 -10.59 4.33
C LEU B 166 -12.13 -11.18 3.63
N ALA B 167 -12.13 -12.51 3.41
CA ALA B 167 -10.91 -13.17 2.97
C ALA B 167 -10.50 -12.73 1.57
N GLY B 168 -11.47 -12.53 0.69
CA GLY B 168 -11.24 -12.15 -0.68
C GLY B 168 -11.13 -10.67 -0.93
N ASN B 169 -11.11 -9.85 0.11
CA ASN B 169 -11.07 -8.41 -0.06
C ASN B 169 -9.80 -8.02 -0.81
N PRO B 170 -9.91 -7.25 -1.90
CA PRO B 170 -8.69 -6.87 -2.65
C PRO B 170 -7.71 -6.04 -1.84
N GLY B 171 -8.17 -5.37 -0.78
CA GLY B 171 -7.31 -4.54 0.04
C GLY B 171 -6.19 -5.27 0.76
N TRP B 172 -6.31 -6.58 0.97
CA TRP B 172 -5.27 -7.29 1.70
C TRP B 172 -3.95 -7.28 0.95
N ALA B 173 -4.00 -7.20 -0.38
CA ALA B 173 -2.79 -7.10 -1.21
C ALA B 173 -1.88 -8.30 -1.01
N VAL B 174 -2.44 -9.46 -0.72
CA VAL B 174 -1.66 -10.70 -0.59
C VAL B 174 -1.61 -11.37 -1.96
N GLU B 175 -0.41 -11.81 -2.34
CA GLU B 175 -0.14 -12.33 -3.67
C GLU B 175 0.38 -13.77 -3.61
N PRO B 176 0.45 -14.48 -4.73
CA PRO B 176 0.93 -15.87 -4.69
C PRO B 176 2.32 -16.03 -4.09
N GLY B 177 3.18 -15.03 -4.22
CA GLY B 177 4.50 -15.08 -3.62
C GLY B 177 4.56 -14.84 -2.14
N ASP B 178 3.43 -14.54 -1.52
CA ASP B 178 3.39 -14.26 -0.08
C ASP B 178 3.36 -15.54 0.74
N ALA B 179 3.95 -15.45 1.93
CA ALA B 179 3.92 -16.53 2.92
C ALA B 179 3.51 -15.90 4.24
N VAL B 180 2.38 -16.34 4.79
CA VAL B 180 1.79 -15.74 5.99
C VAL B 180 2.02 -16.67 7.16
N LEU B 181 2.50 -16.12 8.27
CA LEU B 181 2.72 -16.92 9.48
C LEU B 181 1.38 -17.21 10.16
N MET B 182 1.17 -18.47 10.52
CA MET B 182 -0.07 -18.90 11.16
C MET B 182 0.26 -19.28 12.60
N HIS B 183 -0.29 -18.53 13.56
CA HIS B 183 -0.07 -18.82 14.97
C HIS B 183 -1.23 -18.41 15.87
N ALA B 184 -2.12 -17.56 15.38
CA ALA B 184 -3.31 -17.21 16.15
C ALA B 184 -4.17 -18.46 16.38
N PRO B 185 -4.86 -18.54 17.50
CA PRO B 185 -5.82 -19.65 17.66
C PRO B 185 -6.84 -19.62 16.52
N TYR B 186 -7.09 -20.80 15.92
CA TYR B 186 -8.13 -20.83 14.90
C TYR B 186 -9.51 -20.65 15.52
N ALA B 187 -9.60 -20.58 16.85
CA ALA B 187 -10.84 -20.19 17.51
C ALA B 187 -11.06 -18.68 17.51
N PHE B 188 -10.07 -17.91 17.05
CA PHE B 188 -10.12 -16.45 16.97
C PHE B 188 -10.14 -16.04 15.50
N ASP B 189 -10.78 -14.92 15.17
CA ASP B 189 -10.93 -14.67 13.74
C ASP B 189 -9.73 -13.96 13.12
N ALA B 190 -8.67 -13.65 13.87
CA ALA B 190 -7.40 -13.33 13.23
C ALA B 190 -6.93 -14.47 12.32
N SER B 191 -7.35 -15.70 12.62
CA SER B 191 -7.01 -16.83 11.78
C SER B 191 -7.58 -16.73 10.38
N LEU B 192 -8.59 -15.89 10.17
CA LEU B 192 -9.13 -15.72 8.83
C LEU B 192 -8.11 -15.05 7.92
N PHE B 193 -7.33 -14.14 8.47
CA PHE B 193 -6.23 -13.55 7.72
C PHE B 193 -5.08 -14.53 7.56
N GLU B 194 -4.75 -15.27 8.62
CA GLU B 194 -3.58 -16.15 8.57
C GLU B 194 -3.80 -17.41 7.74
N ILE B 195 -5.04 -17.85 7.58
CA ILE B 195 -5.34 -19.07 6.82
C ILE B 195 -6.00 -18.74 5.49
N TRP B 196 -7.16 -18.07 5.52
CA TRP B 196 -7.98 -18.01 4.32
C TRP B 196 -7.52 -16.94 3.35
N VAL B 197 -7.04 -15.79 3.85
CA VAL B 197 -6.58 -14.74 2.93
C VAL B 197 -5.47 -15.25 2.00
N PRO B 198 -4.41 -15.89 2.50
CA PRO B 198 -3.38 -16.37 1.56
C PRO B 198 -3.90 -17.46 0.64
N LEU B 199 -4.81 -18.32 1.11
CA LEU B 199 -5.26 -19.42 0.28
C LEU B 199 -6.17 -18.95 -0.86
N VAL B 200 -6.97 -17.90 -0.62
CA VAL B 200 -7.78 -17.38 -1.73
C VAL B 200 -6.94 -16.52 -2.65
N SER B 201 -5.71 -16.20 -2.25
CA SER B 201 -4.80 -15.36 -3.02
C SER B 201 -3.72 -16.14 -3.76
N GLY B 202 -3.60 -17.45 -3.51
CA GLY B 202 -2.55 -18.25 -4.10
C GLY B 202 -1.27 -18.31 -3.33
N GLY B 203 -1.20 -17.69 -2.15
CA GLY B 203 -0.02 -17.75 -1.32
C GLY B 203 -0.01 -19.00 -0.46
N ARG B 204 0.88 -18.99 0.53
N ARG B 204 0.88 -18.99 0.53
CA ARG B 204 1.04 -20.15 1.40
CA ARG B 204 1.06 -20.13 1.40
C ARG B 204 0.94 -19.77 2.87
C ARG B 204 0.87 -19.75 2.87
N VAL B 205 0.47 -20.75 3.65
CA VAL B 205 0.27 -20.63 5.09
C VAL B 205 1.46 -21.32 5.74
N VAL B 206 2.19 -20.62 6.61
CA VAL B 206 3.34 -21.21 7.29
C VAL B 206 2.96 -21.44 8.74
N ILE B 207 2.79 -22.71 9.12
CA ILE B 207 2.41 -23.06 10.48
C ILE B 207 3.59 -22.79 11.42
N ALA B 208 3.37 -21.93 12.42
CA ALA B 208 4.43 -21.63 13.37
C ALA B 208 4.71 -22.83 14.28
N GLU B 209 5.98 -23.00 14.64
CA GLU B 209 6.36 -24.05 15.57
C GLU B 209 5.57 -23.88 16.87
N PRO B 210 5.40 -24.96 17.64
CA PRO B 210 4.56 -24.85 18.85
C PRO B 210 5.13 -23.82 19.82
N GLY B 211 4.22 -23.18 20.56
CA GLY B 211 4.60 -22.18 21.53
C GLY B 211 4.35 -20.78 21.02
N PRO B 212 4.49 -19.79 21.89
CA PRO B 212 4.21 -18.40 21.48
C PRO B 212 5.25 -17.90 20.48
N VAL B 213 4.79 -17.05 19.58
CA VAL B 213 5.70 -16.40 18.64
C VAL B 213 6.29 -15.18 19.35
N ASP B 214 7.56 -15.26 19.69
CA ASP B 214 8.28 -14.14 20.27
C ASP B 214 9.17 -13.52 19.19
N ALA B 215 9.96 -12.51 19.59
CA ALA B 215 10.74 -11.78 18.61
C ALA B 215 11.73 -12.70 17.91
N ARG B 216 12.36 -13.60 18.68
CA ARG B 216 13.32 -14.53 18.10
CA ARG B 216 13.33 -14.52 18.08
C ARG B 216 12.67 -15.43 17.06
N ARG B 217 11.49 -15.97 17.38
CA ARG B 217 10.80 -16.85 16.44
C ARG B 217 10.30 -16.10 15.23
N LEU B 218 9.88 -14.84 15.42
CA LEU B 218 9.49 -14.01 14.27
C LEU B 218 10.68 -13.80 13.33
N ARG B 219 11.85 -13.46 13.89
CA ARG B 219 13.02 -13.28 13.05
C ARG B 219 13.34 -14.55 12.27
N GLU B 220 13.26 -15.71 12.95
CA GLU B 220 13.51 -16.98 12.27
C GLU B 220 12.49 -17.23 11.17
N ALA B 221 11.22 -16.92 11.44
CA ALA B 221 10.18 -17.11 10.43
C ALA B 221 10.47 -16.26 9.20
N ILE B 222 10.86 -15.01 9.40
CA ILE B 222 11.13 -14.13 8.28
C ILE B 222 12.34 -14.62 7.49
N SER B 223 13.36 -15.10 8.18
CA SER B 223 14.53 -15.65 7.50
C SER B 223 14.16 -16.85 6.64
N SER B 224 13.12 -17.59 7.03
CA SER B 224 12.69 -18.78 6.32
C SER B 224 11.72 -18.47 5.18
N GLY B 225 11.32 -17.20 5.01
CA GLY B 225 10.52 -16.82 3.88
C GLY B 225 9.19 -16.17 4.21
N VAL B 226 8.81 -16.03 5.48
CA VAL B 226 7.54 -15.38 5.80
C VAL B 226 7.59 -13.91 5.39
N THR B 227 6.53 -13.46 4.73
CA THR B 227 6.44 -12.10 4.24
C THR B 227 5.41 -11.23 4.95
N ARG B 228 4.42 -11.84 5.62
CA ARG B 228 3.39 -11.11 6.31
C ARG B 228 3.10 -11.81 7.63
N ALA B 229 2.88 -11.03 8.68
CA ALA B 229 2.55 -11.58 9.98
C ALA B 229 1.65 -10.62 10.74
N HIS B 230 0.68 -11.19 11.45
CA HIS B 230 -0.20 -10.47 12.36
C HIS B 230 0.23 -10.80 13.78
N LEU B 231 0.26 -9.77 14.64
CA LEU B 231 0.51 -9.94 16.05
C LEU B 231 -0.65 -9.30 16.82
N THR B 232 -1.04 -9.93 17.91
CA THR B 232 -1.98 -9.28 18.83
C THR B 232 -1.43 -7.93 19.26
N ALA B 233 -2.33 -7.04 19.68
CA ALA B 233 -1.90 -5.72 20.13
C ALA B 233 -0.85 -5.83 21.23
N GLY B 234 -1.06 -6.73 22.18
CA GLY B 234 -0.11 -6.87 23.29
C GLY B 234 1.25 -7.37 22.85
N SER B 235 1.28 -8.34 21.94
CA SER B 235 2.56 -8.87 21.47
C SER B 235 3.27 -7.86 20.57
N PHE B 236 2.51 -7.16 19.72
CA PHE B 236 3.09 -6.11 18.89
C PHE B 236 3.74 -5.02 19.73
N ARG B 237 3.03 -4.56 20.77
CA ARG B 237 3.58 -3.51 21.62
C ARG B 237 4.87 -3.96 22.30
N ALA B 238 4.92 -5.20 22.78
CA ALA B 238 6.11 -5.70 23.46
C ALA B 238 7.30 -5.77 22.51
N VAL B 239 7.11 -6.35 21.33
CA VAL B 239 8.20 -6.44 20.36
C VAL B 239 8.58 -5.05 19.88
N ALA B 240 7.60 -4.19 19.66
CA ALA B 240 7.90 -2.84 19.17
C ALA B 240 8.77 -2.09 20.16
N GLU B 241 8.58 -2.31 21.47
CA GLU B 241 9.37 -1.59 22.45
C GLU B 241 10.72 -2.26 22.74
N GLU B 242 10.77 -3.60 22.67
CA GLU B 242 11.95 -4.35 23.06
C GLU B 242 12.89 -4.64 21.88
N SER B 243 12.34 -4.85 20.69
CA SER B 243 13.11 -5.38 19.57
C SER B 243 12.44 -5.00 18.26
N PRO B 244 12.22 -3.71 18.01
CA PRO B 244 11.49 -3.31 16.79
C PRO B 244 12.18 -3.74 15.51
N GLU B 245 13.50 -3.91 15.55
CA GLU B 245 14.23 -4.39 14.38
C GLU B 245 13.84 -5.81 13.98
N SER B 246 13.17 -6.55 14.86
CA SER B 246 12.80 -7.92 14.53
C SER B 246 11.74 -8.01 13.43
N PHE B 247 11.06 -6.91 13.11
CA PHE B 247 10.12 -6.92 12.00
C PHE B 247 10.79 -6.76 10.64
N ALA B 248 12.09 -6.50 10.62
CA ALA B 248 12.79 -6.21 9.37
C ALA B 248 12.69 -7.38 8.41
N GLY B 249 12.37 -7.07 7.15
CA GLY B 249 12.22 -8.08 6.12
C GLY B 249 10.80 -8.43 5.79
N LEU B 250 9.85 -8.15 6.69
CA LEU B 250 8.45 -8.36 6.35
C LEU B 250 8.01 -7.37 5.29
N ARG B 251 7.15 -7.82 4.39
CA ARG B 251 6.44 -6.91 3.52
C ARG B 251 5.41 -6.10 4.31
N GLU B 252 4.72 -6.75 5.25
CA GLU B 252 3.69 -6.10 6.03
C GLU B 252 3.58 -6.78 7.39
N VAL B 253 3.46 -5.96 8.44
CA VAL B 253 3.08 -6.43 9.77
C VAL B 253 1.71 -5.83 10.09
N LEU B 254 0.86 -6.65 10.70
CA LEU B 254 -0.51 -6.30 11.03
C LEU B 254 -0.72 -6.47 12.53
N THR B 255 -1.57 -5.62 13.12
CA THR B 255 -1.86 -5.75 14.53
C THR B 255 -3.23 -5.14 14.81
N GLY B 256 -3.86 -5.64 15.87
CA GLY B 256 -5.15 -5.14 16.30
C GLY B 256 -5.66 -6.01 17.43
N GLY B 257 -6.93 -5.77 17.81
CA GLY B 257 -7.53 -6.45 18.94
C GLY B 257 -7.75 -5.67 20.22
N ASP B 258 -6.76 -4.90 20.60
CA ASP B 258 -6.79 -4.04 21.78
C ASP B 258 -6.15 -2.73 21.34
N VAL B 259 -6.04 -1.78 22.26
CA VAL B 259 -5.48 -0.49 21.89
C VAL B 259 -4.01 -0.67 21.52
N VAL B 260 -3.61 -0.04 20.42
CA VAL B 260 -2.22 0.03 20.00
C VAL B 260 -1.81 1.50 20.04
N PRO B 261 -0.83 1.89 20.84
CA PRO B 261 -0.41 3.30 20.86
C PRO B 261 0.40 3.64 19.62
N ALA B 262 0.24 4.88 19.15
CA ALA B 262 1.02 5.36 18.02
C ALA B 262 2.51 5.17 18.25
N HIS B 263 2.95 5.30 19.51
CA HIS B 263 4.37 5.21 19.81
C HIS B 263 4.94 3.86 19.39
N ALA B 264 4.16 2.80 19.54
CA ALA B 264 4.63 1.47 19.14
C ALA B 264 4.82 1.41 17.63
N VAL B 265 3.87 1.95 16.87
CA VAL B 265 4.01 1.99 15.42
C VAL B 265 5.23 2.82 15.03
N ALA B 266 5.44 3.94 15.71
CA ALA B 266 6.56 4.81 15.40
C ALA B 266 7.89 4.10 15.62
N ARG B 267 8.00 3.32 16.70
CA ARG B 267 9.22 2.56 16.95
C ARG B 267 9.51 1.58 15.82
N VAL B 268 8.48 0.89 15.33
CA VAL B 268 8.70 -0.08 14.26
C VAL B 268 9.10 0.63 12.98
N ARG B 269 8.44 1.76 12.67
CA ARG B 269 8.79 2.49 11.45
C ARG B 269 10.22 3.03 11.52
N SER B 270 10.65 3.48 12.70
CA SER B 270 12.00 4.00 12.84
C SER B 270 13.03 2.91 12.58
N ALA B 271 12.75 1.68 13.04
CA ALA B 271 13.70 0.59 12.90
C ALA B 271 13.57 -0.12 11.55
N CYS B 272 12.40 -0.05 10.92
CA CYS B 272 12.10 -0.82 9.72
C CYS B 272 11.43 0.09 8.71
N PRO B 273 12.20 0.93 8.01
CA PRO B 273 11.56 1.90 7.11
C PRO B 273 10.73 1.29 6.00
N ARG B 274 11.03 0.08 5.53
CA ARG B 274 10.35 -0.43 4.34
C ARG B 274 9.13 -1.30 4.65
N VAL B 275 8.89 -1.65 5.90
N VAL B 275 8.90 -1.66 5.91
CA VAL B 275 7.80 -2.57 6.23
CA VAL B 275 7.81 -2.56 6.27
C VAL B 275 6.49 -1.81 6.32
C VAL B 275 6.49 -1.79 6.30
N ARG B 276 5.48 -2.29 5.59
CA ARG B 276 4.13 -1.77 5.73
C ARG B 276 3.59 -2.13 7.11
N ILE B 277 2.85 -1.20 7.73
CA ILE B 277 2.26 -1.44 9.04
C ILE B 277 0.76 -1.19 8.95
N ARG B 278 -0.03 -2.23 9.23
CA ARG B 278 -1.48 -2.15 9.12
C ARG B 278 -2.12 -2.37 10.49
N HIS B 279 -2.97 -1.44 10.89
CA HIS B 279 -3.76 -1.51 12.11
C HIS B 279 -5.17 -1.94 11.74
N LEU B 280 -5.67 -2.99 12.41
CA LEU B 280 -6.98 -3.54 12.13
C LEU B 280 -7.90 -3.26 13.31
N TYR B 281 -9.16 -2.96 13.01
CA TYR B 281 -10.18 -2.76 14.04
C TYR B 281 -11.47 -3.44 13.65
N GLY B 282 -12.09 -4.14 14.61
CA GLY B 282 -13.44 -4.60 14.44
C GLY B 282 -13.78 -5.78 15.32
N PRO B 283 -15.06 -6.02 15.55
CA PRO B 283 -15.48 -7.12 16.42
C PRO B 283 -15.67 -8.44 15.67
N THR B 284 -15.78 -9.52 16.46
CA THR B 284 -16.05 -10.84 15.90
C THR B 284 -17.37 -10.83 15.15
N GLU B 285 -18.31 -10.02 15.63
CA GLU B 285 -19.64 -9.92 15.04
C GLU B 285 -19.65 -9.39 13.61
N THR B 286 -18.55 -8.77 13.14
CA THR B 286 -18.47 -8.33 11.74
C THR B 286 -17.22 -8.88 11.04
N THR B 287 -16.79 -10.09 11.43
CA THR B 287 -15.79 -10.90 10.72
C THR B 287 -14.42 -10.22 10.62
N LEU B 288 -13.66 -10.39 11.70
CA LEU B 288 -12.27 -9.98 11.90
C LEU B 288 -12.09 -8.47 12.02
N CYS B 289 -12.27 -7.73 10.93
CA CYS B 289 -12.07 -6.28 11.00
C CYS B 289 -12.99 -5.60 10.03
N ALA B 290 -13.43 -4.40 10.41
CA ALA B 290 -14.30 -3.56 9.62
C ALA B 290 -13.63 -2.29 9.11
N THR B 291 -12.61 -1.82 9.82
CA THR B 291 -11.84 -0.66 9.41
C THR B 291 -10.36 -0.98 9.55
N TRP B 292 -9.53 -0.25 8.83
CA TRP B 292 -8.10 -0.44 8.96
C TRP B 292 -7.35 0.84 8.60
N HIS B 293 -6.14 0.93 9.12
CA HIS B 293 -5.24 2.05 8.86
C HIS B 293 -3.89 1.50 8.41
N LEU B 294 -3.41 1.98 7.26
CA LEU B 294 -2.18 1.49 6.67
C LEU B 294 -1.12 2.59 6.67
N LEU B 295 0.05 2.28 7.22
CA LEU B 295 1.19 3.20 7.18
C LEU B 295 2.14 2.68 6.10
N GLU B 296 2.27 3.44 5.02
CA GLU B 296 3.09 3.00 3.90
C GLU B 296 4.57 3.10 4.26
N PRO B 297 5.42 2.36 3.55
CA PRO B 297 6.87 2.43 3.80
C PRO B 297 7.38 3.86 3.72
N GLY B 298 8.20 4.24 4.71
CA GLY B 298 8.80 5.55 4.76
C GLY B 298 7.95 6.62 5.42
N ASP B 299 6.65 6.41 5.53
CA ASP B 299 5.76 7.39 6.14
C ASP B 299 5.77 7.23 7.66
N GLU B 300 5.60 8.34 8.35
CA GLU B 300 5.59 8.35 9.81
C GLU B 300 4.18 8.53 10.34
N ILE B 301 3.88 7.83 11.43
CA ILE B 301 2.57 7.95 12.07
C ILE B 301 2.54 9.25 12.87
N GLY B 302 1.36 9.83 12.97
CA GLY B 302 1.19 11.03 13.75
C GLY B 302 1.21 10.74 15.24
N PRO B 303 0.74 11.70 16.05
CA PRO B 303 0.61 11.43 17.48
C PRO B 303 -0.52 10.47 17.82
N VAL B 304 -1.45 10.22 16.90
N VAL B 304 -1.44 10.22 16.89
CA VAL B 304 -2.58 9.35 17.14
CA VAL B 304 -2.59 9.34 17.13
C VAL B 304 -2.62 8.30 16.03
C VAL B 304 -2.63 8.30 16.02
N LEU B 305 -2.90 7.06 16.41
CA LEU B 305 -3.05 5.97 15.45
C LEU B 305 -4.53 5.79 15.19
N PRO B 306 -5.04 6.12 14.01
CA PRO B 306 -6.48 5.91 13.75
C PRO B 306 -6.83 4.43 13.74
N ILE B 307 -8.10 4.13 14.02
CA ILE B 307 -8.62 2.83 13.65
C ILE B 307 -8.93 2.79 12.16
N GLY B 308 -8.94 3.96 11.51
CA GLY B 308 -8.82 4.02 10.06
C GLY B 308 -10.11 4.18 9.30
N ARG B 309 -10.15 3.59 8.11
CA ARG B 309 -11.24 3.73 7.16
C ARG B 309 -11.87 2.37 6.92
N PRO B 310 -13.16 2.32 6.59
CA PRO B 310 -13.80 1.04 6.33
C PRO B 310 -13.08 0.27 5.23
N LEU B 311 -12.98 -1.04 5.40
CA LEU B 311 -12.52 -1.89 4.32
C LEU B 311 -13.41 -1.70 3.09
N PRO B 312 -12.88 -1.91 1.89
CA PRO B 312 -13.72 -1.96 0.70
C PRO B 312 -14.94 -2.84 0.93
N GLY B 313 -16.12 -2.31 0.60
CA GLY B 313 -17.35 -3.04 0.78
C GLY B 313 -18.02 -2.82 2.11
N ARG B 314 -17.37 -2.12 3.02
CA ARG B 314 -17.93 -1.82 4.31
C ARG B 314 -18.22 -0.33 4.45
N ARG B 315 -19.07 -0.03 5.42
CA ARG B 315 -19.41 1.34 5.78
C ARG B 315 -19.38 1.46 7.29
N ALA B 316 -19.10 2.68 7.75
CA ALA B 316 -19.15 3.02 9.17
C ALA B 316 -19.98 4.27 9.34
N GLN B 317 -20.70 4.33 10.46
CA GLN B 317 -21.47 5.51 10.81
C GLN B 317 -21.17 5.91 12.25
N VAL B 318 -21.08 7.22 12.49
CA VAL B 318 -20.92 7.78 13.82
C VAL B 318 -22.18 8.60 14.08
N LEU B 319 -23.03 8.14 14.98
CA LEU B 319 -24.34 8.72 15.21
C LEU B 319 -24.45 9.24 16.63
N ASP B 320 -25.25 10.30 16.82
CA ASP B 320 -25.52 10.82 18.15
C ASP B 320 -26.68 10.04 18.78
N ALA B 321 -27.14 10.49 19.95
CA ALA B 321 -28.11 9.72 20.71
C ALA B 321 -29.51 9.74 20.10
N SER B 322 -29.75 10.60 19.11
CA SER B 322 -30.99 10.57 18.34
C SER B 322 -30.78 9.97 16.96
N LEU B 323 -29.65 9.29 16.75
CA LEU B 323 -29.31 8.54 15.54
C LEU B 323 -29.09 9.46 14.34
N ARG B 324 -28.71 10.71 14.59
CA ARG B 324 -28.32 11.63 13.55
C ARG B 324 -26.80 11.56 13.35
N ALA B 325 -26.37 11.59 12.10
CA ALA B 325 -24.94 11.60 11.81
C ALA B 325 -24.29 12.88 12.31
N VAL B 326 -23.12 12.75 12.92
CA VAL B 326 -22.39 13.89 13.46
C VAL B 326 -21.35 14.35 12.44
N ALA B 327 -20.93 15.60 12.56
CA ALA B 327 -19.89 16.14 11.71
C ALA B 327 -18.53 15.68 12.20
N PRO B 328 -17.48 15.87 11.41
CA PRO B 328 -16.13 15.52 11.88
C PRO B 328 -15.78 16.24 13.18
N GLY B 329 -14.90 15.62 13.96
CA GLY B 329 -14.49 16.18 15.23
C GLY B 329 -15.50 16.07 16.34
N VAL B 330 -16.60 15.36 16.14
CA VAL B 330 -17.65 15.17 17.14
C VAL B 330 -17.69 13.69 17.51
N ILE B 331 -17.55 13.40 18.80
CA ILE B 331 -17.58 12.01 19.27
C ILE B 331 -19.01 11.51 19.30
N GLY B 332 -19.22 10.29 18.80
CA GLY B 332 -20.50 9.63 18.83
C GLY B 332 -20.37 8.12 18.84
N ASP B 333 -21.50 7.41 18.71
CA ASP B 333 -21.53 5.96 18.74
C ASP B 333 -21.18 5.39 17.37
N LEU B 334 -20.33 4.36 17.36
CA LEU B 334 -19.86 3.76 16.11
C LEU B 334 -20.71 2.56 15.72
N TYR B 335 -21.19 2.58 14.48
CA TYR B 335 -21.98 1.50 13.90
C TYR B 335 -21.30 1.01 12.64
N LEU B 336 -21.32 -0.30 12.42
CA LEU B 336 -20.65 -0.92 11.28
C LEU B 336 -21.68 -1.60 10.38
N SER B 337 -21.55 -1.40 9.07
CA SER B 337 -22.52 -1.99 8.15
C SER B 337 -21.84 -2.36 6.84
N GLY B 338 -22.65 -2.71 5.85
CA GLY B 338 -22.12 -3.26 4.63
C GLY B 338 -21.77 -4.72 4.77
N ALA B 339 -20.64 -5.11 4.19
CA ALA B 339 -20.23 -6.50 4.16
C ALA B 339 -19.78 -6.98 5.55
N GLY B 340 -19.80 -8.29 5.71
CA GLY B 340 -19.14 -8.94 6.83
C GLY B 340 -19.96 -9.20 8.07
N LEU B 341 -21.25 -8.85 8.11
CA LEU B 341 -21.98 -9.04 9.35
C LEU B 341 -22.26 -10.52 9.61
N ALA B 342 -22.15 -10.90 10.87
CA ALA B 342 -22.65 -12.21 11.29
C ALA B 342 -24.17 -12.27 11.10
N ASP B 343 -24.70 -13.51 11.13
CA ASP B 343 -26.15 -13.65 11.11
C ASP B 343 -26.74 -13.28 12.46
N GLY B 344 -25.99 -13.50 13.54
CA GLY B 344 -26.44 -13.20 14.88
C GLY B 344 -25.75 -14.09 15.89
N TYR B 345 -26.35 -14.16 17.07
CA TYR B 345 -25.84 -14.97 18.17
C TYR B 345 -26.68 -16.24 18.27
N LEU B 346 -26.03 -17.39 18.35
CA LEU B 346 -26.76 -18.64 18.45
C LEU B 346 -27.58 -18.68 19.74
N ARG B 347 -28.83 -19.14 19.60
CA ARG B 347 -29.78 -19.32 20.69
C ARG B 347 -30.20 -18.00 21.34
N ARG B 348 -29.86 -16.85 20.75
CA ARG B 348 -30.06 -15.57 21.44
C ARG B 348 -30.66 -14.57 20.44
N ALA B 349 -31.94 -14.79 20.12
CA ALA B 349 -32.64 -13.89 19.20
C ALA B 349 -32.73 -12.48 19.77
N GLY B 350 -33.00 -12.38 21.08
CA GLY B 350 -33.13 -11.07 21.70
C GLY B 350 -31.83 -10.27 21.62
N LEU B 351 -30.72 -10.91 22.01
CA LEU B 351 -29.45 -10.22 21.97
C LEU B 351 -29.07 -9.84 20.55
N THR B 352 -29.41 -10.69 19.58
CA THR B 352 -29.18 -10.37 18.18
C THR B 352 -29.94 -9.12 17.77
N ALA B 353 -31.23 -9.05 18.13
CA ALA B 353 -32.07 -7.91 17.77
C ALA B 353 -31.64 -6.62 18.43
N GLU B 354 -30.93 -6.70 19.56
CA GLU B 354 -30.53 -5.48 20.23
C GLU B 354 -29.18 -4.97 19.75
N ARG B 355 -28.39 -5.79 19.06
N ARG B 355 -28.39 -5.81 19.07
CA ARG B 355 -27.08 -5.37 18.59
CA ARG B 355 -27.06 -5.43 18.60
C ARG B 355 -26.93 -5.35 17.08
C ARG B 355 -26.95 -5.34 17.09
N PHE B 356 -27.71 -6.15 16.35
CA PHE B 356 -27.73 -6.12 14.88
C PHE B 356 -29.02 -5.40 14.49
N VAL B 357 -28.95 -4.08 14.36
CA VAL B 357 -30.14 -3.25 14.31
C VAL B 357 -30.35 -2.71 12.90
N ALA B 358 -31.56 -2.20 12.66
CA ALA B 358 -31.88 -1.61 11.36
C ALA B 358 -30.93 -0.48 11.02
N ASP B 359 -30.52 -0.43 9.75
CA ASP B 359 -29.61 0.60 9.26
C ASP B 359 -30.40 1.63 8.48
N PRO B 360 -30.56 2.86 8.98
CA PRO B 360 -31.38 3.84 8.27
C PRO B 360 -30.81 4.29 6.93
N SER B 361 -29.57 3.96 6.62
CA SER B 361 -28.95 4.41 5.38
C SER B 361 -28.99 3.38 4.26
N ALA B 362 -29.55 2.20 4.49
CA ALA B 362 -29.52 1.13 3.50
C ALA B 362 -30.77 0.27 3.61
N PRO B 363 -31.61 0.23 2.57
CA PRO B 363 -32.95 -0.37 2.73
C PRO B 363 -32.88 -1.83 3.15
N GLY B 364 -33.64 -2.16 4.20
CA GLY B 364 -33.74 -3.51 4.69
C GLY B 364 -32.50 -4.07 5.37
N ALA B 365 -31.44 -3.28 5.48
CA ALA B 365 -30.16 -3.78 5.95
C ALA B 365 -29.99 -3.55 7.46
N ARG B 366 -28.98 -4.21 8.01
CA ARG B 366 -28.63 -4.12 9.41
C ARG B 366 -27.28 -3.44 9.59
N MET B 367 -27.08 -2.87 10.79
CA MET B 367 -25.79 -2.37 11.21
C MET B 367 -25.49 -2.92 12.60
N TYR B 368 -24.21 -3.17 12.88
CA TYR B 368 -23.79 -3.74 14.14
C TYR B 368 -23.38 -2.61 15.09
N ARG B 369 -23.94 -2.61 16.30
CA ARG B 369 -23.60 -1.64 17.34
C ARG B 369 -22.32 -2.07 18.06
N THR B 370 -21.24 -1.33 17.84
CA THR B 370 -19.96 -1.73 18.41
C THR B 370 -19.91 -1.54 19.92
N GLY B 371 -20.67 -0.58 20.45
CA GLY B 371 -20.52 -0.17 21.82
C GLY B 371 -19.29 0.67 22.07
N ASP B 372 -18.60 1.08 21.02
CA ASP B 372 -17.46 1.98 21.09
C ASP B 372 -17.86 3.37 20.64
N LEU B 373 -17.08 4.35 21.07
CA LEU B 373 -17.21 5.73 20.63
C LEU B 373 -16.12 6.02 19.61
N ALA B 374 -16.40 6.96 18.71
CA ALA B 374 -15.45 7.34 17.68
C ALA B 374 -15.78 8.73 17.18
N GLN B 375 -14.82 9.32 16.47
CA GLN B 375 -15.04 10.56 15.75
C GLN B 375 -14.36 10.46 14.40
N TRP B 376 -14.92 11.18 13.42
CA TRP B 376 -14.29 11.25 12.12
C TRP B 376 -13.21 12.33 12.09
N THR B 377 -12.17 12.06 11.32
CA THR B 377 -11.28 13.15 10.94
C THR B 377 -11.92 13.92 9.79
N ALA B 378 -11.34 15.08 9.48
CA ALA B 378 -11.88 15.90 8.42
C ALA B 378 -11.89 15.17 7.08
N ASP B 379 -10.91 14.28 6.86
CA ASP B 379 -10.78 13.58 5.58
C ASP B 379 -11.29 12.15 5.64
N GLY B 380 -12.08 11.80 6.65
CA GLY B 380 -12.86 10.57 6.62
C GLY B 380 -12.24 9.34 7.26
N ALA B 381 -11.23 9.51 8.10
CA ALA B 381 -10.74 8.40 8.92
C ALA B 381 -11.44 8.43 10.27
N LEU B 382 -11.33 7.33 10.99
CA LEU B 382 -11.96 7.18 12.30
C LEU B 382 -10.90 7.13 13.39
N LEU B 383 -11.14 7.89 14.46
CA LEU B 383 -10.35 7.83 15.68
C LEU B 383 -11.15 7.17 16.78
N PHE B 384 -10.54 6.21 17.47
CA PHE B 384 -11.17 5.62 18.64
C PHE B 384 -11.33 6.66 19.73
N ALA B 385 -12.48 6.64 20.42
CA ALA B 385 -12.76 7.58 21.48
C ALA B 385 -13.26 6.88 22.75
N GLY B 386 -12.97 5.60 22.91
CA GLY B 386 -13.24 4.85 24.13
C GLY B 386 -14.54 4.06 24.08
N ARG B 387 -14.75 3.30 25.16
CA ARG B 387 -15.97 2.51 25.30
C ARG B 387 -17.15 3.42 25.65
N ALA B 388 -18.33 3.08 25.13
CA ALA B 388 -19.56 3.78 25.49
C ALA B 388 -19.97 3.38 26.91
N THR C 2 -25.90 9.02 26.07
CA THR C 2 -25.82 7.56 25.88
C THR C 2 -26.73 7.18 24.71
N ASN C 3 -26.29 6.20 23.94
CA ASN C 3 -27.07 5.74 22.79
C ASN C 3 -28.43 5.20 23.22
N PRO C 4 -29.45 5.40 22.37
CA PRO C 4 -30.83 5.07 22.77
C PRO C 4 -31.08 3.57 22.86
N PHE C 5 -30.27 2.73 22.22
CA PHE C 5 -30.58 1.31 22.21
C PHE C 5 -30.32 0.65 23.56
N ASP C 6 -29.46 1.24 24.40
CA ASP C 6 -29.10 0.64 25.67
C ASP C 6 -29.82 1.29 26.87
N ASN C 7 -30.81 2.15 26.61
CA ASN C 7 -31.58 2.77 27.69
C ASN C 7 -32.62 1.77 28.17
N GLU C 8 -32.42 1.20 29.37
CA GLU C 8 -33.36 0.23 29.91
C GLU C 8 -34.76 0.82 30.10
N ASP C 9 -34.85 2.14 30.21
CA ASP C 9 -36.11 2.84 30.48
C ASP C 9 -36.64 3.56 29.24
N GLY C 10 -36.10 3.25 28.07
CA GLY C 10 -36.59 3.83 26.84
C GLY C 10 -37.90 3.23 26.38
N SER C 11 -38.45 3.82 25.32
CA SER C 11 -39.62 3.32 24.64
C SER C 11 -39.18 2.75 23.30
N PHE C 12 -39.60 1.53 23.00
CA PHE C 12 -39.03 0.82 21.86
C PHE C 12 -40.10 0.17 21.00
N LEU C 13 -39.73 -0.05 19.75
CA LEU C 13 -40.43 -0.88 18.79
C LEU C 13 -39.60 -2.13 18.51
N VAL C 14 -40.27 -3.14 17.96
CA VAL C 14 -39.61 -4.24 17.25
C VAL C 14 -39.90 -4.08 15.76
N LEU C 15 -38.85 -4.10 14.95
CA LEU C 15 -38.97 -4.05 13.50
C LEU C 15 -38.58 -5.39 12.89
N VAL C 16 -39.14 -5.70 11.72
N VAL C 16 -39.12 -5.68 11.71
CA VAL C 16 -38.76 -6.87 10.94
CA VAL C 16 -38.77 -6.88 10.94
C VAL C 16 -38.47 -6.41 9.51
C VAL C 16 -38.53 -6.47 9.49
N ASN C 17 -37.52 -7.08 8.87
CA ASN C 17 -37.21 -6.84 7.46
C ASN C 17 -37.69 -8.02 6.62
N GLY C 18 -37.40 -7.95 5.32
CA GLY C 18 -37.83 -9.00 4.41
C GLY C 18 -37.20 -10.34 4.67
N GLU C 19 -36.03 -10.38 5.30
CA GLU C 19 -35.40 -11.64 5.69
C GLU C 19 -35.92 -12.19 7.00
N GLY C 20 -36.90 -11.54 7.62
CA GLY C 20 -37.40 -12.00 8.90
C GLY C 20 -36.52 -11.67 10.07
N GLN C 21 -35.46 -10.90 9.87
CA GLN C 21 -34.60 -10.49 10.96
C GLN C 21 -35.29 -9.42 11.79
N HIS C 22 -35.18 -9.54 13.11
CA HIS C 22 -35.81 -8.61 14.04
C HIS C 22 -34.79 -7.61 14.57
N SER C 23 -35.25 -6.39 14.80
CA SER C 23 -34.42 -5.32 15.35
C SER C 23 -35.16 -4.57 16.44
N LEU C 24 -34.48 -4.34 17.56
CA LEU C 24 -34.91 -3.32 18.50
C LEU C 24 -34.80 -1.95 17.84
N TRP C 25 -35.70 -1.03 18.20
CA TRP C 25 -35.64 0.29 17.61
C TRP C 25 -36.20 1.35 18.55
N PRO C 26 -35.52 2.47 18.75
CA PRO C 26 -36.10 3.52 19.61
C PRO C 26 -37.35 4.09 18.97
N ALA C 27 -38.43 4.19 19.75
CA ALA C 27 -39.72 4.57 19.19
C ALA C 27 -39.74 6.02 18.70
N PHE C 28 -38.82 6.86 19.16
CA PHE C 28 -38.79 8.25 18.70
C PHE C 28 -38.23 8.38 17.29
N ALA C 29 -37.55 7.35 16.79
CA ALA C 29 -36.80 7.45 15.55
C ALA C 29 -37.63 6.94 14.37
N GLU C 30 -37.51 7.65 13.24
CA GLU C 30 -38.12 7.20 11.99
C GLU C 30 -37.77 5.74 11.70
N VAL C 31 -38.78 4.98 11.29
CA VAL C 31 -38.59 3.58 10.92
C VAL C 31 -37.85 3.50 9.59
N PRO C 32 -36.70 2.82 9.52
CA PRO C 32 -35.95 2.77 8.25
C PRO C 32 -36.69 2.08 7.11
N ASP C 33 -36.36 2.49 5.89
CA ASP C 33 -36.92 1.84 4.71
C ASP C 33 -36.55 0.36 4.69
N GLY C 34 -37.49 -0.46 4.24
CA GLY C 34 -37.27 -1.90 4.23
C GLY C 34 -37.53 -2.59 5.55
N TRP C 35 -37.94 -1.85 6.58
CA TRP C 35 -38.25 -2.39 7.90
C TRP C 35 -39.69 -2.04 8.24
N THR C 36 -40.33 -2.92 8.99
CA THR C 36 -41.73 -2.75 9.38
C THR C 36 -41.88 -2.96 10.88
N GLY C 37 -42.59 -2.05 11.55
CA GLY C 37 -42.84 -2.23 12.97
C GLY C 37 -43.89 -3.30 13.20
N VAL C 38 -43.61 -4.22 14.11
CA VAL C 38 -44.50 -5.32 14.44
C VAL C 38 -44.86 -5.38 15.92
N HIS C 39 -44.27 -4.52 16.75
CA HIS C 39 -44.57 -4.52 18.17
C HIS C 39 -44.14 -3.19 18.77
N GLY C 40 -44.88 -2.74 19.77
CA GLY C 40 -44.58 -1.50 20.46
C GLY C 40 -45.42 -0.35 19.98
N PRO C 41 -45.20 0.85 20.55
CA PRO C 41 -44.17 1.18 21.54
C PRO C 41 -44.32 0.43 22.87
N ALA C 42 -43.19 0.03 23.45
CA ALA C 42 -43.21 -0.79 24.66
C ALA C 42 -41.85 -0.70 25.32
N SER C 43 -41.76 -1.25 26.52
CA SER C 43 -40.51 -1.26 27.27
C SER C 43 -39.48 -2.10 26.54
N ARG C 44 -38.21 -1.90 26.89
CA ARG C 44 -37.13 -2.65 26.26
C ARG C 44 -37.28 -4.15 26.53
N GLN C 45 -37.55 -4.54 27.78
CA GLN C 45 -37.72 -5.96 28.08
C GLN C 45 -38.96 -6.54 27.40
N ASP C 46 -40.05 -5.79 27.32
CA ASP C 46 -41.22 -6.30 26.63
C ASP C 46 -40.91 -6.56 25.16
N CYS C 47 -40.16 -5.67 24.53
CA CYS C 47 -39.82 -5.84 23.11
C CYS C 47 -38.89 -7.03 22.91
N LEU C 48 -37.89 -7.19 23.77
CA LEU C 48 -37.00 -8.34 23.67
C LEU C 48 -37.74 -9.62 23.97
N GLY C 49 -38.75 -9.56 24.85
CA GLY C 49 -39.60 -10.71 25.06
C GLY C 49 -40.37 -11.08 23.79
N TYR C 50 -40.90 -10.08 23.09
CA TYR C 50 -41.55 -10.35 21.82
C TYR C 50 -40.60 -11.03 20.85
N VAL C 51 -39.36 -10.53 20.75
CA VAL C 51 -38.38 -11.13 19.84
C VAL C 51 -38.13 -12.58 20.21
N GLU C 52 -37.92 -12.86 21.50
CA GLU C 52 -37.63 -14.23 21.91
C GLU C 52 -38.80 -15.15 21.58
N GLN C 53 -40.02 -14.65 21.75
CA GLN C 53 -41.19 -15.48 21.46
C GLN C 53 -41.38 -15.70 19.97
N ASN C 54 -41.05 -14.71 19.12
CA ASN C 54 -41.48 -14.74 17.74
C ASN C 54 -40.36 -14.96 16.72
N TRP C 55 -39.12 -14.65 17.04
CA TRP C 55 -38.00 -14.87 16.10
C TRP C 55 -37.37 -16.18 16.54
N THR C 56 -37.90 -17.29 16.00
CA THR C 56 -37.53 -18.63 16.45
C THR C 56 -36.56 -19.33 15.52
N ASP C 57 -36.29 -18.75 14.35
CA ASP C 57 -35.34 -19.30 13.37
C ASP C 57 -34.46 -18.14 12.95
N LEU C 58 -33.24 -18.08 13.48
CA LEU C 58 -32.36 -16.96 13.18
C LEU C 58 -31.88 -16.97 11.73
N ARG C 59 -32.08 -18.06 11.01
CA ARG C 59 -31.68 -18.11 9.61
C ARG C 59 -32.47 -17.09 8.80
N PRO C 60 -31.83 -16.31 7.92
CA PRO C 60 -32.59 -15.43 7.04
C PRO C 60 -33.59 -16.22 6.20
N LYS C 61 -34.76 -15.61 5.98
CA LYS C 61 -35.85 -16.32 5.31
C LYS C 61 -35.44 -16.76 3.89
N SER C 62 -34.54 -16.01 3.26
CA SER C 62 -34.08 -16.39 1.91
C SER C 62 -33.34 -17.71 1.95
N LEU C 63 -32.55 -17.96 2.99
CA LEU C 63 -31.85 -19.24 3.10
C LEU C 63 -32.83 -20.39 3.25
N ILE C 64 -33.89 -20.19 4.02
CA ILE C 64 -34.79 -21.30 4.35
C ILE C 64 -35.59 -21.74 3.13
N SER C 65 -35.95 -20.80 2.25
CA SER C 65 -36.87 -21.08 1.17
C SER C 65 -36.20 -21.27 -0.19
N GLN C 66 -35.02 -20.68 -0.39
CA GLN C 66 -34.41 -20.69 -1.72
C GLN C 66 -34.13 -22.10 -2.19
N ILE C 67 -34.59 -22.41 -3.40
CA ILE C 67 -34.28 -23.66 -4.08
C ILE C 67 -33.63 -23.43 -5.44
N SER C 68 -33.52 -22.17 -5.88
CA SER C 68 -33.02 -21.88 -7.21
C SER C 68 -31.50 -22.04 -7.27
N ASP C 69 -31.03 -22.61 -8.38
CA ASP C 69 -29.59 -22.75 -8.63
C ASP C 69 -29.13 -21.71 -9.65
N THR D 2 0.73 38.26 -8.28
CA THR D 2 2.13 38.07 -8.65
C THR D 2 2.95 37.53 -7.48
N ASN D 3 3.69 36.46 -7.73
CA ASN D 3 4.58 35.90 -6.73
C ASN D 3 5.59 36.96 -6.28
N PRO D 4 5.85 37.09 -4.97
CA PRO D 4 6.74 38.17 -4.53
C PRO D 4 8.16 38.04 -5.06
N PHE D 5 8.62 36.84 -5.39
CA PHE D 5 9.95 36.72 -5.96
C PHE D 5 10.01 37.21 -7.40
N ASP D 6 8.86 37.46 -8.03
CA ASP D 6 8.81 37.97 -9.39
C ASP D 6 8.43 39.44 -9.45
N ASN D 7 8.25 40.11 -8.32
CA ASN D 7 7.74 41.48 -8.33
C ASN D 7 8.87 42.44 -8.70
N GLU D 8 8.81 42.98 -9.92
CA GLU D 8 9.88 43.84 -10.40
C GLU D 8 9.93 45.17 -9.67
N ASP D 9 8.86 45.56 -8.98
CA ASP D 9 8.84 46.78 -8.20
C ASP D 9 9.14 46.55 -6.73
N GLY D 10 9.50 45.33 -6.36
CA GLY D 10 9.82 45.02 -4.99
C GLY D 10 11.22 45.45 -4.59
N SER D 11 11.45 45.44 -3.28
CA SER D 11 12.77 45.69 -2.70
C SER D 11 13.33 44.34 -2.26
N PHE D 12 14.59 44.07 -2.58
CA PHE D 12 15.13 42.74 -2.38
C PHE D 12 16.49 42.74 -1.71
N LEU D 13 16.76 41.65 -1.02
CA LEU D 13 18.07 41.30 -0.48
C LEU D 13 18.64 40.12 -1.26
N VAL D 14 19.96 39.96 -1.18
CA VAL D 14 20.62 38.70 -1.49
C VAL D 14 21.06 38.08 -0.18
N LEU D 15 20.75 36.79 0.01
CA LEU D 15 21.17 36.05 1.18
C LEU D 15 22.13 34.94 0.77
N VAL D 16 22.99 34.55 1.70
N VAL D 16 22.97 34.53 1.71
CA VAL D 16 23.90 33.42 1.52
CA VAL D 16 23.90 33.43 1.51
C VAL D 16 23.80 32.53 2.75
C VAL D 16 23.86 32.53 2.74
N ASN D 17 23.86 31.22 2.52
CA ASN D 17 23.88 30.26 3.61
C ASN D 17 25.32 29.77 3.84
N GLY D 18 25.46 28.83 4.76
CA GLY D 18 26.77 28.34 5.12
C GLY D 18 27.44 27.57 4.01
N GLU D 19 26.68 27.12 3.02
CA GLU D 19 27.21 26.42 1.86
C GLU D 19 27.53 27.34 0.68
N GLY D 20 27.43 28.65 0.87
CA GLY D 20 27.72 29.59 -0.20
C GLY D 20 26.63 29.74 -1.22
N GLN D 21 25.49 29.07 -1.04
CA GLN D 21 24.37 29.21 -1.95
C GLN D 21 23.72 30.57 -1.76
N HIS D 22 23.34 31.20 -2.86
CA HIS D 22 22.69 32.50 -2.82
C HIS D 22 21.20 32.39 -3.06
N SER D 23 20.44 33.29 -2.42
CA SER D 23 19.00 33.39 -2.61
C SER D 23 18.60 34.86 -2.72
N LEU D 24 17.73 35.17 -3.67
CA LEU D 24 17.01 36.44 -3.60
C LEU D 24 16.02 36.37 -2.45
N TRP D 25 15.68 37.53 -1.89
CA TRP D 25 14.74 37.53 -0.78
C TRP D 25 13.98 38.85 -0.71
N PRO D 26 12.65 38.82 -0.58
CA PRO D 26 11.91 40.08 -0.46
C PRO D 26 12.24 40.74 0.86
N ALA D 27 12.60 42.02 0.81
CA ALA D 27 13.11 42.70 2.00
C ALA D 27 12.06 42.78 3.09
N PHE D 28 10.77 42.60 2.76
CA PHE D 28 9.72 42.70 3.77
C PHE D 28 9.65 41.47 4.66
N ALA D 29 10.32 40.37 4.30
CA ALA D 29 10.17 39.12 5.02
C ALA D 29 11.36 38.90 5.95
N GLU D 30 11.06 38.39 7.15
CA GLU D 30 12.11 37.99 8.07
C GLU D 30 13.12 37.09 7.39
N VAL D 31 14.40 37.36 7.64
CA VAL D 31 15.47 36.57 7.05
C VAL D 31 15.48 35.19 7.71
N PRO D 32 15.42 34.09 6.95
CA PRO D 32 15.39 32.78 7.59
C PRO D 32 16.67 32.49 8.36
N ASP D 33 16.51 31.73 9.44
CA ASP D 33 17.65 31.26 10.21
C ASP D 33 18.62 30.53 9.30
N GLY D 34 19.92 30.74 9.54
CA GLY D 34 20.94 30.11 8.75
C GLY D 34 21.32 30.86 7.48
N TRP D 35 20.70 32.00 7.22
CA TRP D 35 20.96 32.81 6.05
C TRP D 35 21.40 34.20 6.50
N THR D 36 22.34 34.79 5.78
CA THR D 36 22.87 36.11 6.06
C THR D 36 22.65 37.02 4.86
N GLY D 37 22.14 38.23 5.12
CA GLY D 37 22.03 39.20 4.04
C GLY D 37 23.41 39.74 3.67
N VAL D 38 23.72 39.72 2.38
CA VAL D 38 25.00 40.21 1.88
C VAL D 38 24.85 41.33 0.87
N HIS D 39 23.63 41.67 0.46
CA HIS D 39 23.43 42.74 -0.50
C HIS D 39 21.99 43.21 -0.36
N GLY D 40 21.79 44.50 -0.59
CA GLY D 40 20.48 45.10 -0.55
C GLY D 40 20.22 45.78 0.79
N PRO D 41 19.03 46.37 0.94
CA PRO D 41 17.92 46.37 -0.03
C PRO D 41 18.24 47.07 -1.35
N ALA D 42 17.81 46.46 -2.45
CA ALA D 42 18.10 46.93 -3.78
C ALA D 42 17.01 46.40 -4.71
N SER D 43 17.04 46.85 -5.95
CA SER D 43 16.06 46.40 -6.92
C SER D 43 16.23 44.92 -7.21
N ARG D 44 15.18 44.32 -7.77
CA ARG D 44 15.26 42.92 -8.16
C ARG D 44 16.37 42.68 -9.15
N GLN D 45 16.49 43.56 -10.16
CA GLN D 45 17.52 43.38 -11.18
C GLN D 45 18.91 43.54 -10.58
N ASP D 46 19.08 44.53 -9.70
CA ASP D 46 20.36 44.72 -9.03
C ASP D 46 20.80 43.49 -8.26
N CYS D 47 19.87 42.85 -7.56
CA CYS D 47 20.22 41.65 -6.80
C CYS D 47 20.61 40.50 -7.73
N LEU D 48 19.93 40.36 -8.85
CA LEU D 48 20.31 39.32 -9.81
C LEU D 48 21.72 39.56 -10.32
N GLY D 49 22.08 40.83 -10.55
CA GLY D 49 23.42 41.12 -11.00
C GLY D 49 24.45 40.77 -9.96
N TYR D 50 24.18 41.09 -8.69
CA TYR D 50 25.08 40.70 -7.62
C TYR D 50 25.29 39.20 -7.58
N VAL D 51 24.22 38.41 -7.71
CA VAL D 51 24.35 36.96 -7.64
C VAL D 51 25.19 36.45 -8.80
N GLU D 52 24.89 36.88 -10.02
CA GLU D 52 25.62 36.39 -11.18
C GLU D 52 27.10 36.72 -11.05
N GLN D 53 27.42 37.90 -10.54
CA GLN D 53 28.81 38.28 -10.40
C GLN D 53 29.51 37.45 -9.34
N ASN D 54 28.85 37.17 -8.22
CA ASN D 54 29.55 36.68 -7.05
C ASN D 54 29.34 35.21 -6.75
N TRP D 55 28.30 34.58 -7.27
CA TRP D 55 28.08 33.15 -7.08
C TRP D 55 28.52 32.43 -8.35
N THR D 56 29.76 31.95 -8.34
CA THR D 56 30.39 31.44 -9.55
C THR D 56 30.44 29.93 -9.62
N ASP D 57 30.14 29.23 -8.53
CA ASP D 57 30.14 27.76 -8.49
C ASP D 57 28.91 27.35 -7.70
N LEU D 58 27.99 26.65 -8.35
CA LEU D 58 26.74 26.27 -7.68
C LEU D 58 26.95 25.21 -6.61
N ARG D 59 28.05 24.47 -6.68
CA ARG D 59 28.25 23.37 -5.75
C ARG D 59 28.24 23.89 -4.32
N PRO D 60 27.51 23.26 -3.40
CA PRO D 60 27.56 23.69 -2.00
C PRO D 60 28.96 23.53 -1.42
N LYS D 61 29.42 24.56 -0.73
CA LYS D 61 30.74 24.55 -0.13
C LYS D 61 30.84 23.46 0.92
N GHP E . 9.61 15.46 -13.42
CA GHP E . 8.35 15.63 -14.05
C GHP E . 8.55 16.00 -15.59
O GHP E . 7.56 16.48 -16.27
OXT GHP E . 9.71 15.82 -16.15
C1 GHP E . 7.50 14.36 -13.91
C2 GHP E . 7.60 13.31 -14.79
C3 GHP E . 6.79 12.18 -14.60
C4 GHP E . 5.93 12.13 -13.52
O4 GHP E . 5.09 10.96 -13.30
C5 GHP E . 5.84 13.18 -12.64
C6 GHP E . 6.62 14.30 -12.84
H2 GHP E . 9.82 16.20 -13.02
H GHP E . 9.55 14.83 -12.82
HA GHP E . 7.89 16.34 -13.65
HC2 GHP E . 8.18 13.35 -15.51
H3 GHP E . 6.85 11.46 -15.19
HO4 GHP E . 4.60 10.85 -13.96
H5 GHP E . 5.25 13.15 -11.92
H6 GHP E . 6.57 15.02 -12.25
N GHP F . 3.93 21.81 -12.90
CA GHP F . 2.96 21.60 -13.90
C GHP F . 3.60 21.12 -15.25
O GHP F . 4.79 20.65 -15.27
OXT GHP F . 2.89 21.21 -16.36
C1 GHP F . 1.98 20.53 -13.43
C2 GHP F . 0.74 20.92 -13.00
C3 GHP F . -0.18 19.98 -12.56
C4 GHP F . 0.12 18.64 -12.54
O4 GHP F . -0.90 17.72 -12.06
C5 GHP F . 1.37 18.23 -12.98
C6 GHP F . 2.29 19.17 -13.42
H2 GHP F . 3.60 21.63 -12.12
H GHP F . 4.61 21.28 -13.05
HA GHP F . 2.52 22.42 -14.05
HC2 GHP F . 0.52 21.82 -13.00
H3 GHP F . -1.02 20.26 -12.27
HO4 GHP F . -0.86 17.01 -12.49
H5 GHP F . 1.59 17.33 -12.98
H6 GHP F . 3.13 18.89 -13.71
N GHP G . -11.99 -9.53 15.64
CA GHP G . -11.26 -8.83 16.64
C GHP G . -11.07 -9.72 17.93
O GHP G . -10.65 -9.18 19.03
OXT GHP G . -11.32 -11.00 17.88
C1 GHP G . -9.89 -8.45 16.08
C2 GHP G . -9.71 -7.21 15.52
C3 GHP G . -8.47 -6.86 15.00
C4 GHP G . -7.41 -7.76 15.05
O4 GHP G . -6.13 -7.39 14.51
C5 GHP G . -7.59 -9.01 15.61
C6 GHP G . -8.83 -9.36 16.12
H2 GHP G . -12.52 -10.10 16.02
H GHP G . -12.44 -8.96 15.17
HA GHP G . -11.73 -8.06 16.88
HC2 GHP G . -10.42 -6.62 15.49
H3 GHP G . -8.34 -6.01 14.62
HO4 GHP G . -6.17 -7.33 13.69
H5 GHP G . -6.89 -9.61 15.65
H6 GHP G . -8.95 -10.21 16.50
O1 MES H . -16.80 -20.30 29.87
C2 MES H . -17.57 -21.49 29.74
C3 MES H . -17.97 -22.06 31.09
N4 MES H . -16.83 -22.12 32.02
C5 MES H . -16.05 -20.89 32.09
C6 MES H . -15.65 -20.55 30.66
C7 MES H . -17.28 -22.74 33.26
C8 MES H . -16.37 -22.35 34.42
S MES H . -16.63 -23.30 35.78
O1S MES H . -15.81 -24.52 35.67
O2S MES H . -18.05 -23.67 35.92
O3S MES H . -16.20 -22.55 36.98
H21 MES H . -18.49 -21.26 29.16
H22 MES H . -17.00 -22.23 29.18
H31 MES H . -18.38 -23.06 30.95
H32 MES H . -18.76 -21.44 31.53
HN4 MES H . -16.11 -22.73 31.64
H51 MES H . -15.16 -21.05 32.72
H52 MES H . -16.63 -20.08 32.53
H61 MES H . -15.00 -19.67 30.66
H62 MES H . -15.08 -21.39 30.23
H71 MES H . -17.30 -23.82 33.16
H72 MES H . -18.30 -22.40 33.48
H81 MES H . -16.54 -21.30 34.68
H82 MES H . -15.32 -22.46 34.11
N GHP I . -13.86 -2.86 20.95
CA GHP I . -12.82 -2.70 21.88
C GHP I . -12.32 -4.10 22.43
O GHP I . -11.61 -4.14 23.50
OXT GHP I . -12.64 -5.20 21.81
C1 GHP I . -11.65 -1.97 21.20
C2 GHP I . -10.70 -2.65 20.48
C3 GHP I . -9.65 -1.94 19.87
C4 GHP I . -9.58 -0.56 19.99
O4 GHP I . -8.51 0.21 19.36
C5 GHP I . -10.54 0.10 20.71
C6 GHP I . -11.57 -0.59 21.31
H2 GHP I . -13.62 -3.43 20.33
H GHP I . -14.04 -2.10 20.57
HA GHP I . -13.12 -2.20 22.61
HC2 GHP I . -10.74 -3.57 20.40
H3 GHP I . -9.00 -2.40 19.38
HO4 GHP I . -8.14 0.68 19.94
H5 GHP I . -10.50 1.02 20.79
H6 GHP I . -12.22 -0.13 21.80
B BO3 J . 13.32 -3.27 6.73
O1 BO3 J . 14.40 -3.68 7.46
O2 BO3 J . 12.64 -4.27 6.08
O3 BO3 J . 12.86 -1.99 6.67
HO1 BO3 J . 15.09 -3.91 7.02
HO2 BO3 J . 11.98 -3.99 5.62
HO3 BO3 J . 12.16 -1.83 7.14
#